data_7YJ6
#
_entry.id   7YJ6
#
_cell.length_a   77.141
_cell.length_b   92.457
_cell.length_c   140.657
_cell.angle_alpha   90.000
_cell.angle_beta   90.000
_cell.angle_gamma   90.000
#
_symmetry.space_group_name_H-M   'P 21 21 21'
#
loop_
_entity.id
_entity.type
_entity.pdbx_description
1 polymer 'chalcone synthase 1 (ScCHS1)'
2 non-polymer 'COENZYME A'
3 water water
#
_entity_poly.entity_id   1
_entity_poly.type   'polypeptide(L)'
_entity_poly.pdbx_seq_one_letter_code
;MASATIPAPAPRKMERAEGPASVLAIGTAVPPNVVYQKDYPDFYFGVTNSNHKTELKDKFQRMCDKSCVSKRHLYLTEEI
LKANPSLCAYWEPSLDLRQDIVVVEVPKLGKQAASAAIKEWGQPKSKITHLIFCTTSGVDMPGADWALAKLLGLRSSVKR
LVLYMQGCYGGGTVLRIAKDLAENNKGARVLVVCSEITAITFRGPSDTHLDSLVGQALFGDGASALIVGSDPVPAVERAW
FELHWTGSDILPNSDGAIDGHLKEVGLTFHLMKDVPAIISKNIGGILKDALAKVFPAAHDQLDSSGTTAAAPPPPTYNDL
FWITHPGGPAILDQVEDRLGLRKDKLASTRAVLDQFGNMSSATVLFIMDEMRKRSVEQQLGTTGEGHEWGLLLGFGPGLT
CETVVLRSVPLV
;
_entity_poly.pdbx_strand_id   A,B
#
loop_
_chem_comp.id
_chem_comp.type
_chem_comp.name
_chem_comp.formula
COA non-polymer 'COENZYME A' 'C21 H36 N7 O16 P3 S'
#
# COMPACT_ATOMS: atom_id res chain seq x y z
N PRO A 11 -15.22 -0.76 -27.95
CA PRO A 11 -15.50 0.05 -26.76
C PRO A 11 -15.04 -0.62 -25.46
N ARG A 12 -14.17 0.07 -24.72
CA ARG A 12 -13.68 -0.47 -23.45
C ARG A 12 -14.82 -0.64 -22.47
N LYS A 13 -14.70 -1.67 -21.63
CA LYS A 13 -15.74 -1.90 -20.62
C LYS A 13 -15.69 -0.86 -19.51
N MET A 14 -14.55 -0.20 -19.31
CA MET A 14 -14.45 0.99 -18.45
C MET A 14 -13.83 2.10 -19.29
N GLU A 15 -14.61 3.13 -19.59
CA GLU A 15 -14.08 4.24 -20.38
C GLU A 15 -12.97 4.94 -19.62
N ARG A 16 -12.03 5.51 -20.37
CA ARG A 16 -10.94 6.27 -19.78
C ARG A 16 -11.16 7.76 -20.00
N ALA A 17 -10.39 8.56 -19.28
CA ALA A 17 -10.46 10.01 -19.40
C ALA A 17 -9.47 10.49 -20.47
N GLU A 18 -9.53 11.79 -20.78
CA GLU A 18 -8.70 12.36 -21.84
C GLU A 18 -7.59 13.26 -21.34
N GLY A 19 -7.90 14.21 -20.47
CA GLY A 19 -6.93 15.21 -20.05
C GLY A 19 -6.04 14.73 -18.92
N PRO A 20 -5.05 15.56 -18.59
CA PRO A 20 -4.09 15.17 -17.54
C PRO A 20 -4.73 15.21 -16.17
N ALA A 21 -4.33 14.26 -15.32
CA ALA A 21 -4.78 14.28 -13.92
C ALA A 21 -4.44 15.62 -13.29
N SER A 22 -5.44 16.22 -12.64
CA SER A 22 -5.28 17.58 -12.12
C SER A 22 -5.64 17.64 -10.66
N VAL A 23 -4.94 18.50 -9.92
CA VAL A 23 -5.27 18.77 -8.53
C VAL A 23 -6.40 19.79 -8.50
N LEU A 24 -7.56 19.38 -7.98
CA LEU A 24 -8.75 20.22 -8.00
C LEU A 24 -9.03 20.88 -6.65
N ALA A 25 -8.35 20.46 -5.60
CA ALA A 25 -8.53 21.02 -4.26
C ALA A 25 -7.44 20.49 -3.37
N ILE A 26 -7.08 21.28 -2.34
CA ILE A 26 -6.10 20.87 -1.33
C ILE A 26 -6.64 21.28 0.04
N GLY A 27 -6.61 20.35 0.97
CA GLY A 27 -6.92 20.65 2.35
C GLY A 27 -5.81 20.15 3.26
N THR A 28 -5.67 20.82 4.41
CA THR A 28 -4.68 20.38 5.39
C THR A 28 -5.29 20.48 6.79
N ALA A 29 -4.67 19.75 7.72
CA ALA A 29 -5.09 19.74 9.12
C ALA A 29 -3.90 19.38 9.99
N VAL A 30 -3.82 19.98 11.18
CA VAL A 30 -2.76 19.68 12.15
C VAL A 30 -3.36 19.59 13.53
N PRO A 31 -2.72 18.82 14.42
CA PRO A 31 -3.14 18.85 15.83
C PRO A 31 -3.03 20.25 16.38
N PRO A 32 -3.90 20.61 17.33
CA PRO A 32 -3.89 22.00 17.83
C PRO A 32 -2.71 22.33 18.75
N ASN A 33 -2.07 21.33 19.35
CA ASN A 33 -0.97 21.59 20.28
C ASN A 33 0.28 22.01 19.51
N VAL A 34 0.80 23.19 19.80
CA VAL A 34 1.99 23.72 19.14
C VAL A 34 3.16 23.66 20.11
N VAL A 35 4.28 23.12 19.66
CA VAL A 35 5.51 23.11 20.45
C VAL A 35 6.53 23.96 19.72
N TYR A 36 6.95 25.05 20.36
CA TYR A 36 7.97 25.90 19.78
C TYR A 36 9.34 25.29 19.98
N GLN A 37 10.14 25.33 18.91
CA GLN A 37 11.46 24.69 18.93
C GLN A 37 12.36 25.29 20.01
N LYS A 38 12.26 26.60 20.25
CA LYS A 38 13.02 27.22 21.32
C LYS A 38 12.81 26.50 22.65
N ASP A 39 11.60 25.97 22.88
CA ASP A 39 11.26 25.31 24.13
C ASP A 39 11.51 23.82 24.11
N TYR A 40 11.85 23.25 22.96
CA TYR A 40 11.73 21.80 22.83
C TYR A 40 12.83 21.04 23.57
N PRO A 41 14.10 21.44 23.52
CA PRO A 41 15.10 20.67 24.28
C PRO A 41 14.77 20.52 25.75
N ASP A 42 14.35 21.60 26.41
CA ASP A 42 14.00 21.49 27.82
C ASP A 42 12.75 20.64 28.02
N PHE A 43 11.74 20.84 27.17
CA PHE A 43 10.53 20.03 27.31
C PHE A 43 10.84 18.56 27.09
N TYR A 44 11.61 18.25 26.04
CA TYR A 44 11.83 16.86 25.66
C TYR A 44 12.71 16.14 26.67
N PHE A 45 13.82 16.77 27.07
CA PHE A 45 14.67 16.12 28.06
C PHE A 45 14.01 16.07 29.44
N GLY A 46 13.12 17.01 29.74
CA GLY A 46 12.41 16.94 31.01
C GLY A 46 11.35 15.85 31.03
N VAL A 47 10.51 15.80 30.00
CA VAL A 47 9.40 14.85 29.99
C VAL A 47 9.90 13.41 29.84
N THR A 48 11.08 13.19 29.27
CA THR A 48 11.68 11.86 29.19
C THR A 48 12.59 11.55 30.37
N ASN A 49 12.62 12.40 31.40
CA ASN A 49 13.47 12.21 32.58
C ASN A 49 14.93 11.96 32.18
N SER A 50 15.44 12.83 31.31
CA SER A 50 16.79 12.68 30.77
C SER A 50 17.70 13.84 31.14
N ASN A 51 17.32 14.66 32.12
CA ASN A 51 18.11 15.86 32.41
C ASN A 51 19.47 15.56 33.03
N HIS A 52 19.76 14.32 33.40
CA HIS A 52 21.13 13.98 33.80
C HIS A 52 22.06 13.82 32.60
N LYS A 53 21.51 13.70 31.39
CA LYS A 53 22.30 13.48 30.17
C LYS A 53 22.69 14.82 29.56
N THR A 54 23.58 15.53 30.28
CA THR A 54 23.84 16.93 29.96
C THR A 54 24.58 17.07 28.63
N GLU A 55 25.53 16.17 28.35
CA GLU A 55 26.25 16.26 27.08
C GLU A 55 25.34 15.94 25.91
N LEU A 56 24.49 14.91 26.07
CA LEU A 56 23.52 14.57 25.03
C LEU A 56 22.52 15.69 24.82
N LYS A 57 22.09 16.33 25.92
CA LYS A 57 21.17 17.46 25.79
C LYS A 57 21.81 18.59 25.03
N ASP A 58 23.11 18.81 25.24
CA ASP A 58 23.82 19.85 24.50
C ASP A 58 23.84 19.53 23.01
N LYS A 59 24.08 18.25 22.66
CA LYS A 59 24.02 17.86 21.27
C LYS A 59 22.63 18.11 20.69
N PHE A 60 21.58 17.76 21.44
CA PHE A 60 20.22 17.96 20.95
C PHE A 60 19.91 19.44 20.79
N GLN A 61 20.37 20.27 21.72
CA GLN A 61 20.20 21.71 21.58
C GLN A 61 20.77 22.20 20.25
N ARG A 62 21.97 21.74 19.91
CA ARG A 62 22.59 22.14 18.64
C ARG A 62 21.79 21.63 17.45
N MET A 63 21.26 20.40 17.54
CA MET A 63 20.42 19.90 16.45
C MET A 63 19.18 20.77 16.27
N CYS A 64 18.54 21.16 17.38
CA CYS A 64 17.36 22.01 17.27
C CYS A 64 17.73 23.40 16.75
N ASP A 65 18.87 23.91 17.18
CA ASP A 65 19.26 25.25 16.74
C ASP A 65 19.46 25.29 15.23
N LYS A 66 19.92 24.20 14.68
CA LYS A 66 20.22 24.16 13.25
C LYS A 66 19.10 23.55 12.40
N SER A 67 17.99 23.24 13.03
CA SER A 67 16.96 22.50 12.35
C SER A 67 16.15 23.26 11.29
N CYS A 68 16.17 24.59 11.36
CA CYS A 68 15.32 25.44 10.52
C CYS A 68 13.85 25.14 10.74
N VAL A 69 13.50 24.66 11.94
CA VAL A 69 12.14 24.42 12.37
C VAL A 69 11.87 25.35 13.54
N SER A 70 10.88 26.24 13.40
CA SER A 70 10.50 27.12 14.50
C SER A 70 9.40 26.54 15.38
N LYS A 71 8.50 25.74 14.81
CA LYS A 71 7.39 25.20 15.58
C LYS A 71 6.88 23.96 14.87
N ARG A 72 6.23 23.09 15.64
CA ARG A 72 5.60 21.89 15.12
C ARG A 72 4.28 21.67 15.85
N HIS A 73 3.34 21.03 15.17
CA HIS A 73 2.08 20.59 15.77
C HIS A 73 2.21 19.12 16.14
N LEU A 74 1.87 18.78 17.39
CA LEU A 74 2.05 17.41 17.88
C LEU A 74 0.78 16.94 18.57
N TYR A 75 0.31 15.75 18.19
CA TYR A 75 -0.76 15.12 18.93
C TYR A 75 -0.36 14.90 20.39
N LEU A 76 0.86 14.40 20.61
CA LEU A 76 1.32 14.14 21.97
C LEU A 76 1.43 15.44 22.73
N THR A 77 0.96 15.42 23.98
CA THR A 77 1.02 16.53 24.91
C THR A 77 1.75 16.07 26.16
N GLU A 78 2.13 17.02 27.01
CA GLU A 78 2.72 16.66 28.29
C GLU A 78 1.77 15.77 29.09
N GLU A 79 0.46 16.07 29.04
CA GLU A 79 -0.51 15.29 29.80
C GLU A 79 -0.54 13.83 29.33
N ILE A 80 -0.58 13.62 28.02
CA ILE A 80 -0.59 12.25 27.48
C ILE A 80 0.72 11.54 27.82
N LEU A 81 1.84 12.25 27.71
CA LEU A 81 3.13 11.62 27.99
C LEU A 81 3.27 11.26 29.46
N LYS A 82 2.77 12.10 30.37
CA LYS A 82 2.86 11.78 31.80
C LYS A 82 1.97 10.59 32.15
N ALA A 83 0.86 10.43 31.43
CA ALA A 83 -0.02 9.30 31.66
C ALA A 83 0.50 8.00 31.05
N ASN A 84 1.49 8.07 30.16
CA ASN A 84 1.94 6.92 29.38
C ASN A 84 3.46 6.85 29.38
N PRO A 85 4.05 6.42 30.50
CA PRO A 85 5.51 6.46 30.64
C PRO A 85 6.27 5.60 29.64
N SER A 86 5.66 4.54 29.11
CA SER A 86 6.38 3.70 28.17
C SER A 86 6.70 4.45 26.88
N LEU A 87 5.99 5.56 26.61
CA LEU A 87 6.33 6.39 25.46
C LEU A 87 7.54 7.28 25.71
N CYS A 88 7.85 7.54 26.99
CA CYS A 88 8.93 8.44 27.36
C CYS A 88 10.27 7.73 27.50
N ALA A 89 10.27 6.43 27.70
CA ALA A 89 11.51 5.68 27.73
C ALA A 89 12.09 5.56 26.32
N TYR A 90 13.39 5.28 26.24
CA TYR A 90 14.00 5.07 24.92
C TYR A 90 13.52 3.76 24.31
N TRP A 91 13.41 2.70 25.11
CA TRP A 91 13.26 1.37 24.55
C TRP A 91 12.39 0.50 25.43
N GLU A 92 11.13 0.88 25.59
CA GLU A 92 10.22 0.04 26.37
C GLU A 92 9.12 -0.48 25.47
N PRO A 93 8.60 -1.68 25.75
CA PRO A 93 7.46 -2.19 24.98
C PRO A 93 6.32 -1.19 25.01
N SER A 94 5.84 -0.82 23.82
CA SER A 94 4.90 0.28 23.72
C SER A 94 3.95 0.01 22.56
N LEU A 95 4.44 -0.67 21.50
CA LEU A 95 3.74 -0.71 20.21
C LEU A 95 2.23 -0.77 20.35
N ASP A 96 1.72 -1.66 21.22
CA ASP A 96 0.26 -1.78 21.35
C ASP A 96 -0.36 -0.45 21.76
N LEU A 97 0.26 0.24 22.71
CA LEU A 97 -0.24 1.55 23.12
C LEU A 97 -0.18 2.55 21.97
N ARG A 98 0.96 2.59 21.27
CA ARG A 98 1.11 3.52 20.16
C ARG A 98 0.09 3.26 19.06
N GLN A 99 -0.11 1.98 18.71
CA GLN A 99 -1.11 1.60 17.73
C GLN A 99 -2.52 2.01 18.18
N ASP A 100 -2.86 1.74 19.45
CA ASP A 100 -4.17 2.13 19.96
C ASP A 100 -4.43 3.61 19.69
N ILE A 101 -3.38 4.44 19.80
CA ILE A 101 -3.51 5.87 19.53
C ILE A 101 -3.63 6.13 18.04
N VAL A 102 -2.64 5.72 17.25
CA VAL A 102 -2.56 6.21 15.88
C VAL A 102 -3.53 5.50 14.95
N VAL A 103 -3.99 4.28 15.27
CA VAL A 103 -5.00 3.67 14.41
C VAL A 103 -6.30 4.48 14.46
N VAL A 104 -6.52 5.23 15.54
CA VAL A 104 -7.67 6.13 15.65
C VAL A 104 -7.32 7.54 15.16
N GLU A 105 -6.19 8.08 15.59
CA GLU A 105 -5.94 9.50 15.38
C GLU A 105 -5.49 9.82 13.97
N VAL A 106 -4.86 8.87 13.27
CA VAL A 106 -4.36 9.13 11.92
C VAL A 106 -5.53 9.29 10.96
N PRO A 107 -6.54 8.40 10.95
CA PRO A 107 -7.73 8.68 10.12
C PRO A 107 -8.52 9.92 10.57
N LYS A 108 -8.57 10.20 11.88
CA LYS A 108 -9.31 11.36 12.35
C LYS A 108 -8.68 12.65 11.83
N LEU A 109 -7.35 12.75 11.92
CA LEU A 109 -6.67 13.92 11.36
C LEU A 109 -6.84 13.96 9.85
N GLY A 110 -6.76 12.79 9.21
CA GLY A 110 -6.98 12.73 7.77
C GLY A 110 -8.38 13.18 7.38
N LYS A 111 -9.37 12.87 8.21
CA LYS A 111 -10.74 13.30 7.91
C LYS A 111 -10.85 14.82 7.92
N GLN A 112 -10.16 15.48 8.85
CA GLN A 112 -10.21 16.94 8.89
C GLN A 112 -9.63 17.55 7.63
N ALA A 113 -8.50 17.01 7.16
CA ALA A 113 -7.89 17.51 5.92
C ALA A 113 -8.79 17.21 4.73
N ALA A 114 -9.35 15.99 4.68
CA ALA A 114 -10.23 15.62 3.58
C ALA A 114 -11.49 16.48 3.53
N SER A 115 -12.10 16.76 4.69
CA SER A 115 -13.29 17.61 4.68
C SER A 115 -12.96 18.99 4.14
N ALA A 116 -11.79 19.53 4.50
CA ALA A 116 -11.39 20.84 3.98
C ALA A 116 -11.21 20.80 2.48
N ALA A 117 -10.55 19.76 1.96
CA ALA A 117 -10.42 19.62 0.51
C ALA A 117 -11.78 19.51 -0.16
N ILE A 118 -12.68 18.70 0.41
CA ILE A 118 -13.99 18.51 -0.20
C ILE A 118 -14.80 19.80 -0.19
N LYS A 119 -14.67 20.58 0.88
CA LYS A 119 -15.35 21.87 0.95
C LYS A 119 -14.88 22.81 -0.15
N GLU A 120 -13.57 22.89 -0.37
CA GLU A 120 -13.06 23.73 -1.44
C GLU A 120 -13.51 23.23 -2.81
N TRP A 121 -13.40 21.92 -3.02
CA TRP A 121 -13.82 21.31 -4.27
C TRP A 121 -15.26 21.66 -4.59
N GLY A 122 -16.14 21.59 -3.60
CA GLY A 122 -17.50 22.08 -3.74
C GLY A 122 -18.48 21.10 -4.34
N GLN A 123 -18.04 19.87 -4.66
CA GLN A 123 -18.92 18.86 -5.21
C GLN A 123 -19.34 17.88 -4.12
N PRO A 124 -20.45 17.17 -4.31
CA PRO A 124 -20.86 16.19 -3.30
C PRO A 124 -19.81 15.09 -3.13
N LYS A 125 -19.62 14.66 -1.89
CA LYS A 125 -18.63 13.60 -1.65
C LYS A 125 -19.02 12.30 -2.34
N SER A 126 -20.28 12.15 -2.74
CA SER A 126 -20.69 10.97 -3.49
C SER A 126 -20.00 10.90 -4.85
N LYS A 127 -19.44 12.02 -5.34
CA LYS A 127 -18.71 12.03 -6.60
C LYS A 127 -17.30 11.47 -6.47
N ILE A 128 -16.82 11.21 -5.25
CA ILE A 128 -15.53 10.58 -5.05
C ILE A 128 -15.64 9.11 -5.41
N THR A 129 -14.76 8.64 -6.30
CA THR A 129 -14.79 7.27 -6.78
C THR A 129 -13.66 6.41 -6.25
N HIS A 130 -12.56 7.02 -5.85
CA HIS A 130 -11.34 6.34 -5.43
C HIS A 130 -10.80 7.05 -4.21
N LEU A 131 -10.13 6.30 -3.34
CA LEU A 131 -9.43 6.85 -2.18
C LEU A 131 -8.03 6.23 -2.11
N ILE A 132 -7.01 7.05 -1.94
CA ILE A 132 -5.66 6.61 -1.58
C ILE A 132 -5.35 7.21 -0.22
N PHE A 133 -5.02 6.36 0.75
CA PHE A 133 -4.65 6.82 2.10
C PHE A 133 -3.22 6.37 2.37
N CYS A 134 -2.34 7.33 2.63
CA CYS A 134 -0.91 7.07 2.86
C CYS A 134 -0.54 7.47 4.28
N THR A 135 0.12 6.58 5.01
CA THR A 135 0.65 6.96 6.32
C THR A 135 1.87 6.10 6.62
N THR A 136 2.71 6.63 7.50
CA THR A 136 3.83 5.92 8.08
C THR A 136 3.57 5.63 9.54
N SER A 137 2.35 5.90 10.01
CA SER A 137 2.03 5.88 11.44
C SER A 137 0.95 4.84 11.73
N GLY A 138 1.37 3.61 12.04
CA GLY A 138 0.45 2.56 12.44
C GLY A 138 -0.04 1.75 11.26
N VAL A 139 -0.54 0.53 11.57
CA VAL A 139 -1.15 -0.36 10.59
C VAL A 139 -2.29 -1.11 11.27
N ASP A 140 -3.30 -1.49 10.49
CA ASP A 140 -4.45 -2.20 11.04
C ASP A 140 -5.26 -2.81 9.91
N MET A 141 -6.09 -3.80 10.24
CA MET A 141 -7.04 -4.38 9.27
C MET A 141 -8.42 -4.43 9.90
N PRO A 142 -9.42 -3.82 9.24
CA PRO A 142 -9.30 -2.93 8.08
C PRO A 142 -8.48 -1.71 8.41
N GLY A 143 -7.99 -1.03 7.38
CA GLY A 143 -6.98 -0.02 7.52
C GLY A 143 -7.51 1.40 7.62
N ALA A 144 -6.56 2.34 7.65
CA ALA A 144 -6.89 3.75 7.80
C ALA A 144 -7.75 4.25 6.65
N ASP A 145 -7.63 3.62 5.47
CA ASP A 145 -8.50 3.98 4.35
C ASP A 145 -9.95 3.64 4.67
N TRP A 146 -10.19 2.44 5.21
CA TRP A 146 -11.54 2.05 5.61
C TRP A 146 -12.06 2.97 6.70
N ALA A 147 -11.22 3.26 7.70
CA ALA A 147 -11.64 4.15 8.78
C ALA A 147 -12.03 5.52 8.25
N LEU A 148 -11.20 6.08 7.35
CA LEU A 148 -11.51 7.39 6.78
C LEU A 148 -12.79 7.37 5.96
N ALA A 149 -12.98 6.30 5.17
CA ALA A 149 -14.18 6.21 4.35
C ALA A 149 -15.43 6.19 5.23
N LYS A 150 -15.35 5.52 6.37
CA LYS A 150 -16.49 5.47 7.29
C LYS A 150 -16.73 6.82 7.94
N LEU A 151 -15.65 7.49 8.37
CA LEU A 151 -15.80 8.80 9.01
C LEU A 151 -16.40 9.83 8.06
N LEU A 152 -15.95 9.83 6.80
CA LEU A 152 -16.42 10.77 5.80
C LEU A 152 -17.78 10.43 5.25
N GLY A 153 -18.19 9.17 5.33
CA GLY A 153 -19.42 8.74 4.69
C GLY A 153 -19.27 8.59 3.18
N LEU A 154 -18.13 8.08 2.72
CA LEU A 154 -17.96 7.83 1.30
C LEU A 154 -18.88 6.69 0.88
N ARG A 155 -19.18 6.63 -0.42
CA ARG A 155 -19.97 5.54 -0.93
C ARG A 155 -19.28 4.20 -0.65
N SER A 156 -20.09 3.17 -0.40
CA SER A 156 -19.52 1.88 -0.01
C SER A 156 -18.73 1.25 -1.14
N SER A 157 -18.94 1.69 -2.38
CA SER A 157 -18.24 1.14 -3.52
C SER A 157 -17.03 1.97 -3.93
N VAL A 158 -16.59 2.92 -3.09
CA VAL A 158 -15.37 3.65 -3.40
C VAL A 158 -14.20 2.67 -3.44
N LYS A 159 -13.35 2.82 -4.46
CA LYS A 159 -12.19 1.96 -4.63
C LYS A 159 -11.05 2.52 -3.79
N ARG A 160 -10.68 1.78 -2.74
CA ARG A 160 -9.73 2.26 -1.76
C ARG A 160 -8.36 1.63 -1.95
N LEU A 161 -7.36 2.33 -1.43
CA LEU A 161 -5.99 1.83 -1.44
C LEU A 161 -5.32 2.39 -0.19
N VAL A 162 -4.75 1.53 0.64
CA VAL A 162 -4.01 2.01 1.81
C VAL A 162 -2.52 1.73 1.61
N LEU A 163 -1.73 2.78 1.74
CA LEU A 163 -0.29 2.75 1.53
C LEU A 163 0.34 2.95 2.90
N TYR A 164 0.77 1.84 3.49
CA TYR A 164 1.31 1.83 4.84
C TYR A 164 2.82 1.79 4.80
N MET A 165 3.45 2.29 5.88
CA MET A 165 4.90 2.21 6.07
C MET A 165 5.64 2.76 4.86
N GLN A 166 5.13 3.86 4.31
CA GLN A 166 5.75 4.45 3.13
C GLN A 166 6.97 5.29 3.49
N GLY A 167 6.81 6.21 4.44
CA GLY A 167 7.87 7.13 4.77
C GLY A 167 7.85 8.35 3.88
N CYS A 168 8.97 9.06 3.89
CA CYS A 168 8.96 10.46 3.46
C CYS A 168 8.87 10.65 1.96
N TYR A 169 8.91 9.60 1.14
CA TYR A 169 8.68 9.77 -0.29
C TYR A 169 7.20 9.62 -0.67
N GLY A 170 6.33 9.33 0.30
CA GLY A 170 4.98 8.90 -0.01
C GLY A 170 4.11 9.94 -0.68
N GLY A 171 4.41 11.23 -0.46
CA GLY A 171 3.65 12.26 -1.17
C GLY A 171 3.85 12.21 -2.67
N GLY A 172 5.04 11.76 -3.10
CA GLY A 172 5.25 11.50 -4.52
C GLY A 172 4.51 10.26 -4.99
N THR A 173 4.61 9.18 -4.21
CA THR A 173 3.94 7.93 -4.57
C THR A 173 2.44 8.12 -4.78
N VAL A 174 1.77 8.84 -3.87
CA VAL A 174 0.32 8.95 -4.00
C VAL A 174 -0.06 9.68 -5.27
N LEU A 175 0.75 10.65 -5.71
CA LEU A 175 0.46 11.34 -6.96
C LEU A 175 0.73 10.46 -8.16
N ARG A 176 1.81 9.67 -8.10
CA ARG A 176 2.12 8.74 -9.17
C ARG A 176 1.00 7.73 -9.36
N ILE A 177 0.41 7.23 -8.26
CA ILE A 177 -0.71 6.30 -8.39
C ILE A 177 -1.99 7.04 -8.79
N ALA A 178 -2.28 8.18 -8.16
CA ALA A 178 -3.50 8.90 -8.48
C ALA A 178 -3.55 9.32 -9.93
N LYS A 179 -2.39 9.63 -10.52
CA LYS A 179 -2.36 9.99 -11.94
C LYS A 179 -3.01 8.92 -12.79
N ASP A 180 -2.66 7.64 -12.56
CA ASP A 180 -3.21 6.58 -13.41
C ASP A 180 -4.66 6.27 -13.08
N LEU A 181 -5.05 6.37 -11.80
CA LEU A 181 -6.47 6.18 -11.46
C LEU A 181 -7.34 7.24 -12.10
N ALA A 182 -6.90 8.50 -12.07
CA ALA A 182 -7.71 9.57 -12.63
C ALA A 182 -7.75 9.49 -14.15
N GLU A 183 -6.61 9.21 -14.79
CA GLU A 183 -6.55 9.29 -16.23
C GLU A 183 -7.18 8.08 -16.90
N ASN A 184 -7.12 6.91 -16.28
CA ASN A 184 -7.63 5.71 -16.93
C ASN A 184 -9.09 5.43 -16.65
N ASN A 185 -9.78 6.31 -15.94
CA ASN A 185 -11.17 6.04 -15.53
C ASN A 185 -12.00 7.30 -15.73
N LYS A 186 -12.87 7.30 -16.75
CA LYS A 186 -13.65 8.49 -17.04
C LYS A 186 -14.53 8.86 -15.87
N GLY A 187 -14.47 10.13 -15.47
CA GLY A 187 -15.25 10.61 -14.35
C GLY A 187 -14.64 10.36 -12.99
N ALA A 188 -13.51 9.67 -12.91
CA ALA A 188 -12.95 9.33 -11.62
C ALA A 188 -12.54 10.59 -10.88
N ARG A 189 -12.82 10.61 -9.58
CA ARG A 189 -12.38 11.68 -8.69
C ARG A 189 -11.72 10.99 -7.50
N VAL A 190 -10.41 11.19 -7.37
CA VAL A 190 -9.58 10.47 -6.41
C VAL A 190 -9.36 11.37 -5.20
N LEU A 191 -9.81 10.92 -4.04
CA LEU A 191 -9.46 11.56 -2.77
C LEU A 191 -8.12 10.98 -2.32
N VAL A 192 -7.12 11.84 -2.14
CA VAL A 192 -5.76 11.45 -1.76
C VAL A 192 -5.52 12.02 -0.37
N VAL A 193 -5.17 11.18 0.60
CA VAL A 193 -4.93 11.65 1.96
C VAL A 193 -3.60 11.09 2.45
N CYS A 194 -2.75 11.98 2.97
CA CYS A 194 -1.53 11.61 3.68
C CYS A 194 -1.66 12.12 5.10
N SER A 195 -1.46 11.24 6.08
CA SER A 195 -1.68 11.64 7.46
C SER A 195 -0.62 11.01 8.33
N GLU A 196 0.06 11.82 9.14
CA GLU A 196 1.25 11.39 9.86
C GLU A 196 1.16 11.88 11.31
N ILE A 197 1.38 10.97 12.26
CA ILE A 197 1.35 11.30 13.68
C ILE A 197 2.55 10.64 14.35
N THR A 198 3.44 11.45 14.93
CA THR A 198 4.72 10.97 15.44
C THR A 198 4.59 10.19 16.74
N ALA A 199 3.39 9.99 17.28
CA ALA A 199 3.25 9.13 18.45
C ALA A 199 3.77 7.72 18.19
N ILE A 200 3.84 7.31 16.92
CA ILE A 200 4.33 5.97 16.58
C ILE A 200 5.84 5.87 16.80
N THR A 201 6.58 6.99 16.76
CA THR A 201 8.05 6.96 16.85
C THR A 201 8.62 7.67 18.07
N PHE A 202 7.85 8.55 18.71
CA PHE A 202 8.38 9.31 19.85
C PHE A 202 8.98 8.38 20.90
N ARG A 203 10.20 8.68 21.33
CA ARG A 203 10.81 7.94 22.43
C ARG A 203 11.87 8.81 23.09
N GLY A 204 12.37 8.33 24.23
CA GLY A 204 13.43 9.02 24.95
C GLY A 204 14.76 8.98 24.23
N PRO A 205 15.69 9.84 24.63
CA PRO A 205 16.98 9.96 23.94
C PRO A 205 17.98 8.89 24.35
N SER A 206 18.90 8.58 23.44
CA SER A 206 19.95 7.61 23.69
C SER A 206 21.25 8.10 23.07
N ASP A 207 22.33 8.13 23.85
CA ASP A 207 23.56 8.71 23.30
C ASP A 207 24.32 7.74 22.40
N THR A 208 23.80 6.53 22.18
CA THR A 208 24.33 5.61 21.19
C THR A 208 23.46 5.54 19.95
N HIS A 209 22.43 6.40 19.86
CA HIS A 209 21.54 6.46 18.70
C HIS A 209 21.24 7.92 18.39
N LEU A 210 22.29 8.66 18.03
CA LEU A 210 22.14 10.06 17.69
C LEU A 210 21.27 10.28 16.47
N ASP A 211 21.14 9.28 15.59
CA ASP A 211 20.26 9.45 14.45
C ASP A 211 18.79 9.43 14.87
N SER A 212 18.45 8.68 15.91
CA SER A 212 17.08 8.74 16.43
C SER A 212 16.77 10.11 17.03
N LEU A 213 17.79 10.81 17.55
CA LEU A 213 17.60 12.17 18.04
C LEU A 213 17.24 13.12 16.91
N VAL A 214 17.76 12.87 15.70
CA VAL A 214 17.45 13.71 14.55
C VAL A 214 15.94 13.80 14.34
N GLY A 215 15.27 12.64 14.38
CA GLY A 215 13.83 12.62 14.23
C GLY A 215 13.11 13.43 15.29
N GLN A 216 13.65 13.42 16.52
CA GLN A 216 13.01 14.18 17.59
C GLN A 216 13.10 15.68 17.36
N ALA A 217 14.11 16.13 16.60
CA ALA A 217 14.25 17.55 16.32
C ALA A 217 13.42 17.98 15.11
N LEU A 218 13.10 17.06 14.19
CA LEU A 218 12.55 17.45 12.89
C LEU A 218 11.10 17.04 12.66
N PHE A 219 10.66 15.87 13.17
CA PHE A 219 9.37 15.32 12.73
C PHE A 219 8.20 16.02 13.41
N GLY A 220 7.19 16.41 12.62
CA GLY A 220 5.97 16.97 13.14
C GLY A 220 4.77 16.21 12.62
N ASP A 221 3.59 16.56 13.12
CA ASP A 221 2.34 15.88 12.76
C ASP A 221 1.53 16.73 11.78
N GLY A 222 0.78 16.06 10.92
CA GLY A 222 -0.09 16.78 10.01
C GLY A 222 -0.73 15.86 9.00
N ALA A 223 -1.81 16.33 8.37
CA ALA A 223 -2.45 15.60 7.29
C ALA A 223 -2.77 16.54 6.15
N SER A 224 -2.69 16.02 4.93
CA SER A 224 -3.02 16.81 3.76
C SER A 224 -3.89 15.96 2.84
N ALA A 225 -4.75 16.62 2.08
CA ALA A 225 -5.68 15.91 1.24
C ALA A 225 -5.86 16.63 -0.09
N LEU A 226 -6.01 15.85 -1.15
CA LEU A 226 -6.24 16.37 -2.49
C LEU A 226 -7.49 15.74 -3.07
N ILE A 227 -8.13 16.46 -3.98
CA ILE A 227 -9.00 15.85 -4.98
C ILE A 227 -8.24 15.88 -6.30
N VAL A 228 -8.06 14.71 -6.91
CA VAL A 228 -7.35 14.60 -8.18
C VAL A 228 -8.33 14.04 -9.21
N GLY A 229 -8.38 14.66 -10.37
CA GLY A 229 -9.23 14.14 -11.43
C GLY A 229 -8.82 14.70 -12.77
N SER A 230 -9.16 13.97 -13.83
CA SER A 230 -8.99 14.47 -15.18
C SER A 230 -10.26 15.16 -15.65
N ASP A 231 -10.11 16.03 -16.65
CA ASP A 231 -11.22 16.67 -17.32
C ASP A 231 -12.13 17.43 -16.34
N PRO A 232 -11.62 18.48 -15.67
CA PRO A 232 -12.45 19.25 -14.75
C PRO A 232 -13.64 19.87 -15.46
N VAL A 233 -14.77 19.91 -14.77
CA VAL A 233 -16.01 20.46 -15.34
C VAL A 233 -15.86 21.97 -15.45
N PRO A 234 -16.02 22.54 -16.64
CA PRO A 234 -15.82 23.99 -16.80
C PRO A 234 -16.80 24.79 -15.95
N ALA A 235 -16.27 25.85 -15.32
CA ALA A 235 -17.01 26.78 -14.47
C ALA A 235 -17.58 26.12 -13.23
N VAL A 236 -17.10 24.93 -12.89
CA VAL A 236 -17.64 24.19 -11.75
C VAL A 236 -16.48 23.73 -10.89
N GLU A 237 -15.55 23.01 -11.51
CA GLU A 237 -14.31 22.59 -10.86
C GLU A 237 -13.18 23.47 -11.33
N ARG A 238 -12.09 23.46 -10.57
CA ARG A 238 -10.94 24.33 -10.85
C ARG A 238 -9.67 23.54 -10.68
N ALA A 239 -8.84 23.50 -11.71
CA ALA A 239 -7.52 22.88 -11.60
C ALA A 239 -6.49 23.87 -11.07
N TRP A 240 -5.59 23.36 -10.23
CA TRP A 240 -4.50 24.14 -9.66
C TRP A 240 -3.12 23.69 -10.15
N PHE A 241 -2.95 22.38 -10.35
CA PHE A 241 -1.72 21.81 -10.90
C PHE A 241 -2.11 20.62 -11.74
N GLU A 242 -1.30 20.31 -12.74
CA GLU A 242 -1.50 19.14 -13.61
C GLU A 242 -0.33 18.19 -13.43
N LEU A 243 -0.62 16.89 -13.37
CA LEU A 243 0.42 15.86 -13.29
C LEU A 243 0.77 15.42 -14.70
N HIS A 244 2.04 15.59 -15.10
CA HIS A 244 2.42 15.24 -16.47
C HIS A 244 3.43 14.13 -16.59
N TRP A 245 4.30 13.92 -15.61
CA TRP A 245 5.32 12.89 -15.76
C TRP A 245 5.74 12.43 -14.38
N THR A 246 5.94 11.14 -14.21
CA THR A 246 6.36 10.60 -12.93
C THR A 246 7.54 9.66 -13.13
N GLY A 247 8.41 9.63 -12.13
CA GLY A 247 9.52 8.70 -12.12
C GLY A 247 9.83 8.34 -10.69
N SER A 248 10.45 7.18 -10.52
CA SER A 248 10.90 6.75 -9.21
C SER A 248 12.27 6.11 -9.37
N ASP A 249 13.17 6.33 -8.41
CA ASP A 249 14.53 5.84 -8.53
C ASP A 249 15.05 5.39 -7.17
N ILE A 250 15.72 4.23 -7.15
CA ILE A 250 16.55 3.86 -6.00
C ILE A 250 17.93 4.45 -6.25
N LEU A 251 18.39 5.31 -5.33
CA LEU A 251 19.67 5.97 -5.56
C LEU A 251 20.82 4.97 -5.38
N PRO A 252 21.87 5.06 -6.20
CA PRO A 252 22.94 4.07 -6.11
C PRO A 252 23.69 4.15 -4.79
N ASN A 253 24.17 3.00 -4.33
CA ASN A 253 25.04 2.92 -3.15
C ASN A 253 24.36 3.52 -1.93
N SER A 254 23.06 3.26 -1.77
CA SER A 254 22.31 3.88 -0.69
C SER A 254 21.61 2.86 0.21
N ASP A 255 21.98 1.58 0.11
CA ASP A 255 21.41 0.59 1.00
C ASP A 255 21.61 1.01 2.45
N GLY A 256 20.52 1.03 3.20
CA GLY A 256 20.58 1.32 4.61
C GLY A 256 20.65 2.78 4.96
N ALA A 257 20.56 3.68 3.97
CA ALA A 257 20.66 5.11 4.26
C ALA A 257 19.56 5.56 5.20
N ILE A 258 18.34 5.07 4.99
CA ILE A 258 17.18 5.39 5.81
C ILE A 258 16.41 4.09 5.99
N ASP A 259 16.48 3.50 7.18
CA ASP A 259 15.71 2.31 7.52
C ASP A 259 14.70 2.67 8.61
N GLY A 260 13.57 1.99 8.59
CA GLY A 260 12.61 2.17 9.67
C GLY A 260 11.95 0.86 9.99
N HIS A 261 11.93 0.45 11.25
CA HIS A 261 11.42 -0.87 11.63
C HIS A 261 10.29 -0.71 12.62
N LEU A 262 9.22 -1.49 12.43
CA LEU A 262 8.11 -1.50 13.37
C LEU A 262 8.40 -2.60 14.38
N LYS A 263 8.81 -2.19 15.58
CA LYS A 263 9.25 -3.08 16.64
C LYS A 263 8.23 -3.08 17.76
N GLU A 264 8.46 -3.97 18.74
CA GLU A 264 7.66 -3.95 19.95
C GLU A 264 7.80 -2.64 20.71
N VAL A 265 8.84 -1.86 20.45
CA VAL A 265 9.03 -0.55 21.09
C VAL A 265 8.49 0.59 20.22
N GLY A 266 7.76 0.28 19.16
CA GLY A 266 7.26 1.28 18.23
C GLY A 266 8.10 1.35 16.97
N LEU A 267 7.88 2.42 16.20
CA LEU A 267 8.65 2.62 14.97
C LEU A 267 10.01 3.22 15.30
N THR A 268 11.06 2.58 14.82
CA THR A 268 12.43 3.04 15.05
C THR A 268 13.06 3.38 13.72
N PHE A 269 13.99 4.33 13.74
CA PHE A 269 14.65 4.77 12.53
C PHE A 269 16.15 4.58 12.65
N HIS A 270 16.79 4.35 11.50
CA HIS A 270 18.23 4.18 11.45
C HIS A 270 18.73 4.91 10.22
N LEU A 271 19.53 5.95 10.42
CA LEU A 271 19.95 6.82 9.34
C LEU A 271 21.43 6.69 9.08
N MET A 272 21.84 7.16 7.91
CA MET A 272 23.23 7.40 7.60
C MET A 272 23.48 8.90 7.57
N LYS A 273 24.68 9.30 7.95
CA LYS A 273 24.99 10.71 8.08
C LYS A 273 25.20 11.42 6.76
N ASP A 274 25.16 10.73 5.62
CA ASP A 274 25.22 11.51 4.38
C ASP A 274 24.12 11.09 3.42
N VAL A 275 22.93 10.92 3.97
CA VAL A 275 21.73 11.10 3.18
C VAL A 275 21.77 12.39 2.35
N PRO A 276 22.14 13.56 2.88
CA PRO A 276 22.20 14.75 2.02
C PRO A 276 23.17 14.60 0.85
N ALA A 277 24.34 13.99 1.08
CA ALA A 277 25.29 13.80 -0.01
C ALA A 277 24.76 12.84 -1.06
N ILE A 278 24.10 11.75 -0.64
CA ILE A 278 23.57 10.81 -1.61
C ILE A 278 22.49 11.46 -2.46
N ILE A 279 21.57 12.18 -1.82
CA ILE A 279 20.51 12.83 -2.59
C ILE A 279 21.09 13.87 -3.54
N SER A 280 21.93 14.76 -3.00
CA SER A 280 22.37 15.90 -3.81
C SER A 280 23.31 15.47 -4.94
N LYS A 281 24.08 14.39 -4.75
CA LYS A 281 24.99 13.97 -5.81
C LYS A 281 24.29 13.25 -6.94
N ASN A 282 23.08 12.72 -6.71
CA ASN A 282 22.35 11.99 -7.74
C ASN A 282 21.17 12.73 -8.33
N ILE A 283 20.64 13.77 -7.67
CA ILE A 283 19.38 14.36 -8.09
C ILE A 283 19.50 15.03 -9.46
N GLY A 284 20.67 15.62 -9.76
CA GLY A 284 20.84 16.30 -11.05
C GLY A 284 20.66 15.37 -12.23
N GLY A 285 21.28 14.19 -12.18
CA GLY A 285 21.11 13.24 -13.27
C GLY A 285 19.67 12.78 -13.42
N ILE A 286 18.98 12.61 -12.30
CA ILE A 286 17.58 12.19 -12.34
C ILE A 286 16.71 13.27 -12.97
N LEU A 287 16.91 14.53 -12.58
CA LEU A 287 16.06 15.59 -13.11
C LEU A 287 16.39 15.91 -14.56
N LYS A 288 17.67 15.84 -14.93
CA LYS A 288 18.04 16.04 -16.33
C LYS A 288 17.36 15.03 -17.23
N ASP A 289 17.34 13.76 -16.81
CA ASP A 289 16.69 12.72 -17.59
C ASP A 289 15.18 12.93 -17.65
N ALA A 290 14.56 13.30 -16.52
CA ALA A 290 13.13 13.54 -16.49
C ALA A 290 12.75 14.66 -17.44
N LEU A 291 13.45 15.78 -17.36
CA LEU A 291 13.13 16.92 -18.20
C LEU A 291 13.41 16.63 -19.67
N ALA A 292 14.43 15.80 -19.95
CA ALA A 292 14.67 15.44 -21.35
C ALA A 292 13.53 14.60 -21.91
N LYS A 293 12.88 13.79 -21.06
CA LYS A 293 11.76 12.97 -21.52
C LYS A 293 10.49 13.78 -21.67
N VAL A 294 10.31 14.80 -20.84
CA VAL A 294 9.14 15.67 -20.95
C VAL A 294 9.30 16.65 -22.11
N PHE A 295 10.53 17.07 -22.42
CA PHE A 295 10.80 18.07 -23.45
C PHE A 295 11.79 17.51 -24.47
N PRO A 296 11.41 16.45 -25.19
CA PRO A 296 12.38 15.79 -26.07
C PRO A 296 12.72 16.67 -27.26
N ALA A 297 13.97 16.60 -27.69
CA ALA A 297 14.36 17.17 -28.96
C ALA A 297 13.93 16.25 -30.09
N ALA A 298 13.70 16.83 -31.26
CA ALA A 298 13.29 16.04 -32.42
C ALA A 298 13.71 16.72 -33.72
N ALA A 311 11.33 21.74 -31.36
CA ALA A 311 10.88 21.28 -30.04
C ALA A 311 11.45 22.17 -28.94
N PRO A 312 10.62 22.52 -27.96
CA PRO A 312 11.06 23.41 -26.88
C PRO A 312 12.10 22.73 -26.01
N PRO A 313 13.10 23.46 -25.54
CA PRO A 313 14.08 22.88 -24.63
C PRO A 313 13.52 22.83 -23.21
N PRO A 314 14.07 22.00 -22.34
CA PRO A 314 13.64 22.02 -20.94
C PRO A 314 13.82 23.41 -20.37
N PRO A 315 12.91 23.87 -19.51
CA PRO A 315 13.22 25.05 -18.70
C PRO A 315 14.46 24.78 -17.88
N THR A 316 15.17 25.85 -17.53
CA THR A 316 16.29 25.70 -16.63
C THR A 316 15.77 25.49 -15.21
N TYR A 317 16.64 24.97 -14.33
CA TYR A 317 16.20 24.70 -12.96
C TYR A 317 15.62 25.94 -12.30
N ASN A 318 16.24 27.11 -12.51
CA ASN A 318 15.74 28.29 -11.82
C ASN A 318 14.47 28.85 -12.45
N ASP A 319 14.04 28.30 -13.57
CA ASP A 319 12.76 28.69 -14.18
C ASP A 319 11.62 27.73 -13.85
N LEU A 320 11.89 26.71 -13.04
CA LEU A 320 10.87 25.79 -12.55
C LEU A 320 10.40 26.23 -11.17
N PHE A 321 9.20 25.79 -10.80
CA PHE A 321 8.81 25.87 -9.40
C PHE A 321 9.14 24.56 -8.68
N TRP A 322 9.43 24.66 -7.38
CA TRP A 322 10.00 23.54 -6.62
C TRP A 322 9.15 23.20 -5.41
N ILE A 323 8.68 21.96 -5.35
CA ILE A 323 7.93 21.45 -4.20
C ILE A 323 8.74 20.26 -3.68
N THR A 324 9.64 20.51 -2.74
CA THR A 324 10.67 19.54 -2.37
C THR A 324 10.45 19.05 -0.95
N HIS A 325 10.45 17.72 -0.76
CA HIS A 325 10.30 17.23 0.61
C HIS A 325 11.44 17.71 1.48
N PRO A 326 11.16 18.44 2.58
CA PRO A 326 12.24 18.98 3.42
C PRO A 326 12.63 17.97 4.50
N GLY A 327 13.32 16.90 4.08
CA GLY A 327 13.69 15.86 5.02
C GLY A 327 14.51 16.42 6.18
N GLY A 328 15.40 17.35 5.87
CA GLY A 328 16.11 18.12 6.85
C GLY A 328 16.77 19.27 6.12
N PRO A 329 17.23 20.27 6.86
CA PRO A 329 17.82 21.44 6.20
C PRO A 329 19.08 21.12 5.41
N ALA A 330 19.83 20.10 5.80
CA ALA A 330 21.06 19.80 5.07
C ALA A 330 20.76 19.23 3.69
N ILE A 331 19.68 18.45 3.56
CA ILE A 331 19.26 17.99 2.24
C ILE A 331 18.97 19.18 1.33
N LEU A 332 18.15 20.12 1.81
CA LEU A 332 17.83 21.30 1.02
C LEU A 332 19.08 22.08 0.65
N ASP A 333 19.95 22.34 1.63
CA ASP A 333 21.15 23.12 1.34
C ASP A 333 22.01 22.46 0.28
N GLN A 334 22.19 21.15 0.36
CA GLN A 334 23.10 20.50 -0.59
C GLN A 334 22.49 20.36 -1.97
N VAL A 335 21.17 20.15 -2.04
CA VAL A 335 20.51 20.11 -3.34
C VAL A 335 20.60 21.47 -4.01
N GLU A 336 20.27 22.52 -3.25
CA GLU A 336 20.49 23.89 -3.69
C GLU A 336 21.88 24.10 -4.27
N ASP A 337 22.90 23.72 -3.51
CA ASP A 337 24.27 23.98 -3.92
C ASP A 337 24.61 23.23 -5.20
N ARG A 338 24.25 21.95 -5.25
CA ARG A 338 24.70 21.14 -6.38
C ARG A 338 23.96 21.50 -7.66
N LEU A 339 22.69 21.91 -7.56
CA LEU A 339 21.91 22.26 -8.75
C LEU A 339 22.02 23.74 -9.12
N GLY A 340 22.72 24.55 -8.33
CA GLY A 340 22.82 25.96 -8.63
C GLY A 340 21.53 26.73 -8.45
N LEU A 341 20.68 26.30 -7.52
CA LEU A 341 19.41 26.98 -7.34
C LEU A 341 19.62 28.30 -6.62
N ARG A 342 18.91 29.33 -7.06
CA ARG A 342 18.84 30.54 -6.27
C ARG A 342 18.08 30.27 -4.98
N LYS A 343 18.44 31.02 -3.93
CA LYS A 343 17.96 30.72 -2.59
C LYS A 343 16.43 30.75 -2.49
N ASP A 344 15.77 31.57 -3.30
CA ASP A 344 14.33 31.69 -3.16
C ASP A 344 13.55 30.56 -3.83
N LYS A 345 14.22 29.66 -4.57
CA LYS A 345 13.49 28.59 -5.22
C LYS A 345 12.83 27.70 -4.19
N LEU A 346 13.50 27.48 -3.06
CA LEU A 346 12.98 26.59 -2.03
C LEU A 346 12.26 27.35 -0.91
N ALA A 347 11.84 28.60 -1.16
CA ALA A 347 11.26 29.40 -0.08
C ALA A 347 9.97 28.80 0.44
N SER A 348 9.08 28.35 -0.45
CA SER A 348 7.82 27.77 0.02
C SER A 348 8.08 26.48 0.79
N THR A 349 9.04 25.67 0.31
CA THR A 349 9.44 24.46 1.00
C THR A 349 9.94 24.77 2.41
N ARG A 350 10.84 25.76 2.53
CA ARG A 350 11.39 26.10 3.83
C ARG A 350 10.35 26.74 4.75
N ALA A 351 9.36 27.44 4.17
CA ALA A 351 8.32 28.02 5.00
C ALA A 351 7.50 26.93 5.70
N VAL A 352 7.21 25.85 4.99
CA VAL A 352 6.48 24.76 5.62
C VAL A 352 7.36 24.05 6.65
N LEU A 353 8.63 23.80 6.31
CA LEU A 353 9.52 23.20 7.30
C LEU A 353 9.59 24.06 8.56
N ASP A 354 9.64 25.39 8.39
CA ASP A 354 9.77 26.28 9.53
C ASP A 354 8.54 26.24 10.42
N GLN A 355 7.35 26.11 9.84
CA GLN A 355 6.11 26.27 10.59
C GLN A 355 5.49 24.96 11.02
N PHE A 356 5.95 23.83 10.45
CA PHE A 356 5.35 22.54 10.70
C PHE A 356 6.35 21.42 10.93
N GLY A 357 7.64 21.63 10.66
CA GLY A 357 8.60 20.56 10.66
C GLY A 357 8.39 19.60 9.49
N ASN A 358 9.05 18.45 9.60
CA ASN A 358 9.01 17.38 8.59
C ASN A 358 7.81 16.49 8.95
N MET A 359 6.74 16.60 8.17
CA MET A 359 5.53 15.81 8.38
C MET A 359 5.49 14.59 7.47
N SER A 360 6.67 14.05 7.14
CA SER A 360 6.82 12.82 6.33
C SER A 360 6.01 12.98 5.05
N SER A 361 5.16 12.00 4.65
CA SER A 361 4.55 12.00 3.32
C SER A 361 3.62 13.18 3.09
N ALA A 362 3.07 13.77 4.15
CA ALA A 362 2.12 14.86 3.99
C ALA A 362 2.78 16.16 3.58
N THR A 363 4.10 16.29 3.80
CA THR A 363 4.71 17.61 3.77
C THR A 363 4.64 18.27 2.39
N VAL A 364 4.89 17.50 1.33
CA VAL A 364 4.93 18.13 0.00
C VAL A 364 3.56 18.68 -0.39
N LEU A 365 2.47 18.10 0.14
CA LEU A 365 1.18 18.65 -0.20
C LEU A 365 0.89 19.93 0.58
N PHE A 366 1.39 20.05 1.82
CA PHE A 366 1.38 21.36 2.49
C PHE A 366 2.14 22.40 1.67
N ILE A 367 3.29 22.01 1.11
CA ILE A 367 4.09 22.96 0.33
C ILE A 367 3.35 23.33 -0.95
N MET A 368 2.73 22.35 -1.61
CA MET A 368 1.87 22.65 -2.76
C MET A 368 0.81 23.68 -2.40
N ASP A 369 0.19 23.53 -1.23
CA ASP A 369 -0.84 24.47 -0.80
C ASP A 369 -0.25 25.84 -0.54
N GLU A 370 0.90 25.87 0.16
CA GLU A 370 1.58 27.14 0.44
C GLU A 370 1.90 27.86 -0.86
N MET A 371 2.45 27.13 -1.83
CA MET A 371 2.85 27.77 -3.09
C MET A 371 1.67 28.38 -3.83
N ARG A 372 0.56 27.64 -3.98
CA ARG A 372 -0.54 28.23 -4.71
C ARG A 372 -1.11 29.43 -3.97
N LYS A 373 -1.13 29.36 -2.63
CA LYS A 373 -1.66 30.49 -1.86
C LYS A 373 -0.77 31.72 -1.99
N ARG A 374 0.56 31.56 -1.90
CA ARG A 374 1.46 32.69 -2.12
C ARG A 374 1.29 33.26 -3.52
N SER A 375 1.11 32.37 -4.52
CA SER A 375 1.00 32.84 -5.89
C SER A 375 -0.26 33.68 -6.10
N VAL A 376 -1.38 33.26 -5.51
CA VAL A 376 -2.60 34.05 -5.59
C VAL A 376 -2.43 35.36 -4.84
N GLU A 377 -1.87 35.31 -3.62
CA GLU A 377 -1.76 36.51 -2.79
C GLU A 377 -0.87 37.56 -3.45
N GLN A 378 0.22 37.13 -4.06
CA GLN A 378 1.17 38.03 -4.69
C GLN A 378 0.80 38.37 -6.12
N GLN A 379 -0.35 37.89 -6.59
CA GLN A 379 -0.90 38.24 -7.90
C GLN A 379 0.08 37.85 -9.01
N LEU A 380 0.59 36.63 -8.92
CA LEU A 380 1.52 36.12 -9.92
C LEU A 380 0.75 35.47 -11.06
N GLY A 381 1.47 35.14 -12.13
CA GLY A 381 0.81 34.74 -13.36
C GLY A 381 0.36 33.30 -13.41
N THR A 382 0.89 32.45 -12.52
CA THR A 382 0.48 31.06 -12.44
C THR A 382 0.44 30.62 -10.97
N THR A 383 -0.17 29.47 -10.74
CA THR A 383 -0.20 28.86 -9.41
C THR A 383 1.16 28.36 -8.96
N GLY A 384 2.15 28.29 -9.85
CA GLY A 384 3.50 27.88 -9.50
C GLY A 384 4.48 29.05 -9.47
N GLU A 385 4.12 30.09 -8.73
CA GLU A 385 4.99 31.26 -8.56
C GLU A 385 5.27 31.96 -9.88
N GLY A 386 4.36 31.83 -10.85
CA GLY A 386 4.54 32.44 -12.14
C GLY A 386 5.26 31.57 -13.16
N HIS A 387 5.83 30.44 -12.74
CA HIS A 387 6.52 29.54 -13.65
C HIS A 387 5.52 28.55 -14.23
N GLU A 388 5.79 28.10 -15.47
CA GLU A 388 4.86 27.17 -16.11
C GLU A 388 5.05 25.74 -15.60
N TRP A 389 6.29 25.30 -15.45
CA TRP A 389 6.58 23.91 -15.13
C TRP A 389 7.27 23.82 -13.77
N GLY A 390 7.15 22.66 -13.14
CA GLY A 390 7.69 22.52 -11.81
C GLY A 390 7.90 21.06 -11.43
N LEU A 391 8.49 20.87 -10.26
CA LEU A 391 8.91 19.57 -9.78
C LEU A 391 8.40 19.34 -8.37
N LEU A 392 7.83 18.17 -8.12
CA LEU A 392 7.57 17.71 -6.77
C LEU A 392 8.47 16.53 -6.50
N LEU A 393 9.21 16.57 -5.39
CA LEU A 393 10.23 15.57 -5.09
C LEU A 393 10.00 15.01 -3.71
N GLY A 394 9.93 13.69 -3.61
CA GLY A 394 9.89 13.00 -2.32
C GLY A 394 11.13 12.16 -2.16
N PHE A 395 11.65 12.09 -0.93
CA PHE A 395 12.82 11.27 -0.63
C PHE A 395 12.52 10.45 0.61
N GLY A 396 12.95 9.19 0.61
CA GLY A 396 12.67 8.34 1.75
C GLY A 396 13.43 7.02 1.68
N PRO A 397 13.02 6.06 2.50
CA PRO A 397 13.73 4.77 2.59
C PRO A 397 13.96 4.13 1.24
N GLY A 398 15.18 3.66 1.02
CA GLY A 398 15.53 3.00 -0.24
C GLY A 398 17.00 3.01 -0.62
N LEU A 399 17.61 4.19 -0.81
CA LEU A 399 16.97 5.49 -0.69
C LEU A 399 16.13 5.77 -1.95
N THR A 400 14.85 6.05 -1.77
CA THR A 400 13.93 6.25 -2.89
C THR A 400 13.73 7.73 -3.16
N CYS A 401 13.80 8.10 -4.43
CA CYS A 401 13.46 9.44 -4.92
C CYS A 401 12.25 9.34 -5.83
N GLU A 402 11.16 10.02 -5.46
CA GLU A 402 9.97 10.16 -6.30
C GLU A 402 10.00 11.52 -6.97
N THR A 403 9.86 11.54 -8.30
CA THR A 403 9.88 12.77 -9.08
C THR A 403 8.54 12.91 -9.81
N VAL A 404 7.87 14.04 -9.61
CA VAL A 404 6.66 14.34 -10.37
C VAL A 404 6.88 15.67 -11.09
N VAL A 405 6.73 15.66 -12.41
CA VAL A 405 6.77 16.90 -13.19
C VAL A 405 5.35 17.45 -13.27
N LEU A 406 5.20 18.69 -12.82
CA LEU A 406 3.90 19.34 -12.71
C LEU A 406 3.83 20.50 -13.69
N ARG A 407 2.61 20.81 -14.14
CA ARG A 407 2.34 22.08 -14.79
C ARG A 407 1.46 22.91 -13.88
N SER A 408 1.78 24.20 -13.76
CA SER A 408 0.93 25.13 -13.05
C SER A 408 -0.28 25.47 -13.91
N VAL A 409 -1.19 26.28 -13.37
CA VAL A 409 -2.34 26.79 -14.12
C VAL A 409 -2.26 28.31 -14.12
N PRO A 410 -2.55 28.97 -15.24
CA PRO A 410 -2.52 30.44 -15.26
C PRO A 410 -3.54 31.02 -14.29
N LEU A 411 -3.16 32.15 -13.70
CA LEU A 411 -4.03 32.88 -12.77
C LEU A 411 -4.62 34.09 -13.47
N VAL A 412 -5.93 34.28 -13.28
CA VAL A 412 -6.75 35.34 -13.88
C VAL A 412 -6.27 35.76 -15.27
N PRO B 11 -1.25 15.25 -27.14
CA PRO B 11 0.18 14.97 -27.08
C PRO B 11 0.65 14.75 -25.65
N ARG B 12 0.35 13.58 -25.09
CA ARG B 12 0.65 13.29 -23.70
C ARG B 12 2.14 13.30 -23.43
N LYS B 13 2.52 13.80 -22.24
CA LYS B 13 3.92 13.70 -21.86
C LYS B 13 4.29 12.25 -21.52
N MET B 14 3.32 11.44 -21.08
CA MET B 14 3.46 10.00 -20.94
C MET B 14 2.38 9.34 -21.78
N GLU B 15 2.81 8.66 -22.84
CA GLU B 15 1.89 8.00 -23.75
C GLU B 15 1.18 6.83 -23.05
N ARG B 16 -0.10 6.61 -23.38
CA ARG B 16 -0.86 5.52 -22.77
C ARG B 16 -0.98 4.32 -23.72
N ALA B 17 -1.42 3.19 -23.19
CA ALA B 17 -1.60 1.99 -24.00
C ALA B 17 -3.03 1.94 -24.53
N GLU B 18 -3.28 1.02 -25.46
CA GLU B 18 -4.59 0.94 -26.10
C GLU B 18 -5.43 -0.25 -25.63
N GLY B 19 -4.86 -1.45 -25.57
CA GLY B 19 -5.62 -2.65 -25.29
C GLY B 19 -5.79 -2.92 -23.82
N PRO B 20 -6.60 -3.95 -23.51
CA PRO B 20 -6.88 -4.27 -22.09
C PRO B 20 -5.64 -4.83 -21.39
N ALA B 21 -5.45 -4.44 -20.14
CA ALA B 21 -4.41 -5.05 -19.33
C ALA B 21 -4.57 -6.56 -19.34
N SER B 22 -3.47 -7.27 -19.60
CA SER B 22 -3.53 -8.70 -19.80
C SER B 22 -2.49 -9.40 -18.93
N VAL B 23 -2.85 -10.59 -18.45
CA VAL B 23 -1.93 -11.43 -17.71
C VAL B 23 -1.06 -12.19 -18.70
N LEU B 24 0.25 -11.91 -18.69
CA LEU B 24 1.15 -12.48 -19.69
C LEU B 24 1.96 -13.66 -19.17
N ALA B 25 1.94 -13.89 -17.86
CA ALA B 25 2.67 -14.99 -17.25
C ALA B 25 2.20 -15.09 -15.80
N ILE B 26 2.25 -16.32 -15.27
CA ILE B 26 1.97 -16.57 -13.86
C ILE B 26 3.03 -17.52 -13.31
N GLY B 27 3.63 -17.16 -12.19
CA GLY B 27 4.53 -18.07 -11.49
C GLY B 27 4.09 -18.19 -10.05
N THR B 28 4.38 -19.34 -9.45
CA THR B 28 4.06 -19.57 -8.05
C THR B 28 5.24 -20.21 -7.34
N ALA B 29 5.24 -20.11 -6.02
CA ALA B 29 6.27 -20.71 -5.18
C ALA B 29 5.67 -20.98 -3.81
N VAL B 30 6.13 -22.07 -3.19
CA VAL B 30 5.70 -22.41 -1.82
C VAL B 30 6.89 -22.93 -1.05
N PRO B 31 6.84 -22.79 0.28
CA PRO B 31 7.86 -23.43 1.11
C PRO B 31 7.84 -24.93 0.91
N PRO B 32 9.00 -25.59 0.99
CA PRO B 32 9.04 -27.02 0.65
C PRO B 32 8.42 -27.92 1.70
N ASN B 33 8.28 -27.47 2.94
CA ASN B 33 7.75 -28.30 4.03
C ASN B 33 6.25 -28.51 3.84
N VAL B 34 5.84 -29.74 3.55
CA VAL B 34 4.44 -30.08 3.33
C VAL B 34 3.87 -30.64 4.62
N VAL B 35 2.73 -30.09 5.05
CA VAL B 35 2.09 -30.47 6.30
C VAL B 35 0.73 -31.06 5.95
N TYR B 36 0.54 -32.36 6.18
CA TYR B 36 -0.72 -32.99 5.85
C TYR B 36 -1.74 -32.74 6.96
N GLN B 37 -2.96 -32.37 6.54
CA GLN B 37 -3.98 -31.98 7.49
C GLN B 37 -4.34 -33.10 8.45
N LYS B 38 -4.30 -34.36 7.99
CA LYS B 38 -4.64 -35.47 8.87
C LYS B 38 -3.70 -35.52 10.07
N ASP B 39 -2.45 -35.09 9.89
CA ASP B 39 -1.45 -35.07 10.94
C ASP B 39 -1.48 -33.81 11.79
N TYR B 40 -2.23 -32.79 11.38
CA TYR B 40 -1.97 -31.48 11.96
C TYR B 40 -2.52 -31.30 13.38
N PRO B 41 -3.73 -31.78 13.72
CA PRO B 41 -4.18 -31.64 15.11
C PRO B 41 -3.18 -32.20 16.12
N ASP B 42 -2.63 -33.39 15.88
CA ASP B 42 -1.67 -33.95 16.82
C ASP B 42 -0.35 -33.17 16.81
N PHE B 43 0.12 -32.77 15.64
CA PHE B 43 1.35 -31.99 15.62
C PHE B 43 1.18 -30.66 16.34
N TYR B 44 0.11 -29.93 16.00
CA TYR B 44 -0.11 -28.59 16.54
C TYR B 44 -0.34 -28.63 18.05
N PHE B 45 -1.22 -29.50 18.53
CA PHE B 45 -1.43 -29.55 19.98
C PHE B 45 -0.23 -30.14 20.69
N GLY B 46 0.57 -30.97 20.02
CA GLY B 46 1.76 -31.50 20.64
C GLY B 46 2.84 -30.44 20.79
N VAL B 47 3.13 -29.71 19.70
CA VAL B 47 4.21 -28.74 19.72
C VAL B 47 3.89 -27.53 20.59
N THR B 48 2.62 -27.23 20.82
CA THR B 48 2.21 -26.13 21.68
C THR B 48 1.89 -26.59 23.10
N ASN B 49 2.23 -27.84 23.45
CA ASN B 49 2.07 -28.37 24.80
C ASN B 49 0.63 -28.25 25.28
N SER B 50 -0.30 -28.64 24.42
CA SER B 50 -1.73 -28.43 24.69
C SER B 50 -2.55 -29.71 24.65
N ASN B 51 -1.92 -30.89 24.66
CA ASN B 51 -2.70 -32.11 24.51
C ASN B 51 -3.64 -32.37 25.68
N HIS B 52 -3.44 -31.69 26.82
CA HIS B 52 -4.37 -31.81 27.93
C HIS B 52 -5.67 -31.05 27.69
N LYS B 53 -5.72 -30.17 26.68
CA LYS B 53 -6.92 -29.39 26.37
C LYS B 53 -7.84 -30.20 25.46
N THR B 54 -8.48 -31.21 26.06
CA THR B 54 -9.13 -32.24 25.24
C THR B 54 -10.33 -31.70 24.47
N GLU B 55 -11.17 -30.89 25.11
CA GLU B 55 -12.33 -30.36 24.38
C GLU B 55 -11.88 -29.36 23.31
N LEU B 56 -10.86 -28.56 23.61
CA LEU B 56 -10.32 -27.64 22.62
C LEU B 56 -9.73 -28.40 21.44
N LYS B 57 -9.03 -29.50 21.71
CA LYS B 57 -8.46 -30.28 20.60
C LYS B 57 -9.56 -30.91 19.76
N ASP B 58 -10.66 -31.33 20.39
CA ASP B 58 -11.77 -31.87 19.62
C ASP B 58 -12.35 -30.81 18.69
N LYS B 59 -12.50 -29.57 19.17
CA LYS B 59 -12.96 -28.50 18.29
C LYS B 59 -12.02 -28.35 17.10
N PHE B 60 -10.72 -28.33 17.37
CA PHE B 60 -9.74 -28.18 16.30
C PHE B 60 -9.75 -29.37 15.35
N GLN B 61 -9.94 -30.58 15.90
CA GLN B 61 -10.04 -31.77 15.06
C GLN B 61 -11.18 -31.62 14.07
N ARG B 62 -12.34 -31.17 14.54
CA ARG B 62 -13.48 -31.02 13.64
C ARG B 62 -13.27 -29.88 12.65
N MET B 63 -12.62 -28.80 13.09
CA MET B 63 -12.29 -27.74 12.14
C MET B 63 -11.41 -28.28 11.03
N CYS B 64 -10.42 -29.12 11.38
CA CYS B 64 -9.56 -29.71 10.36
C CYS B 64 -10.31 -30.72 9.51
N ASP B 65 -11.14 -31.55 10.13
CA ASP B 65 -11.91 -32.55 9.38
C ASP B 65 -12.82 -31.90 8.34
N LYS B 66 -13.37 -30.72 8.63
CA LYS B 66 -14.27 -30.02 7.73
C LYS B 66 -13.58 -28.96 6.87
N SER B 67 -12.26 -28.83 6.98
CA SER B 67 -11.56 -27.70 6.36
C SER B 67 -11.54 -27.79 4.84
N CYS B 68 -11.67 -28.99 4.27
CA CYS B 68 -11.48 -29.20 2.83
C CYS B 68 -10.07 -28.80 2.42
N VAL B 69 -9.12 -28.93 3.34
CA VAL B 69 -7.70 -28.74 3.10
C VAL B 69 -7.02 -30.06 3.38
N SER B 70 -6.38 -30.63 2.35
CA SER B 70 -5.65 -31.88 2.57
C SER B 70 -4.20 -31.66 2.97
N LYS B 71 -3.59 -30.57 2.50
CA LYS B 71 -2.20 -30.29 2.85
C LYS B 71 -1.95 -28.80 2.68
N ARG B 72 -0.89 -28.33 3.35
CA ARG B 72 -0.44 -26.96 3.25
C ARG B 72 1.08 -26.95 3.21
N HIS B 73 1.65 -25.90 2.65
CA HIS B 73 3.09 -25.67 2.67
C HIS B 73 3.40 -24.59 3.70
N LEU B 74 4.28 -24.89 4.64
CA LEU B 74 4.52 -23.97 5.75
C LEU B 74 6.01 -23.71 5.92
N TYR B 75 6.37 -22.42 6.00
CA TYR B 75 7.75 -22.06 6.35
C TYR B 75 8.13 -22.61 7.71
N LEU B 76 7.23 -22.47 8.68
CA LEU B 76 7.51 -22.97 10.04
C LEU B 76 7.63 -24.49 10.04
N THR B 77 8.66 -24.99 10.72
CA THR B 77 8.91 -26.40 10.92
C THR B 77 8.94 -26.70 12.41
N GLU B 78 8.90 -28.00 12.74
CA GLU B 78 9.06 -28.40 14.13
C GLU B 78 10.37 -27.91 14.71
N GLU B 79 11.45 -27.95 13.92
CA GLU B 79 12.74 -27.46 14.37
C GLU B 79 12.67 -25.97 14.73
N ILE B 80 12.07 -25.16 13.86
CA ILE B 80 12.00 -23.74 14.13
C ILE B 80 11.12 -23.46 15.34
N LEU B 81 9.99 -24.16 15.44
CA LEU B 81 9.10 -23.95 16.58
C LEU B 81 9.78 -24.33 17.90
N LYS B 82 10.50 -25.46 17.95
CA LYS B 82 11.16 -25.85 19.18
C LYS B 82 12.28 -24.88 19.56
N ALA B 83 12.91 -24.26 18.56
CA ALA B 83 13.95 -23.28 18.82
C ALA B 83 13.39 -21.92 19.26
N ASN B 84 12.10 -21.68 19.06
CA ASN B 84 11.50 -20.37 19.29
C ASN B 84 10.21 -20.54 20.07
N PRO B 85 10.30 -20.86 21.36
CA PRO B 85 9.10 -21.24 22.12
C PRO B 85 8.08 -20.13 22.28
N SER B 86 8.45 -18.87 22.10
CA SER B 86 7.46 -17.80 22.18
C SER B 86 6.42 -17.90 21.06
N LEU B 87 6.73 -18.59 19.96
CA LEU B 87 5.75 -18.82 18.90
C LEU B 87 4.73 -19.88 19.27
N CYS B 88 5.06 -20.75 20.22
CA CYS B 88 4.21 -21.88 20.56
C CYS B 88 3.23 -21.58 21.69
N ALA B 89 3.35 -20.42 22.34
CA ALA B 89 2.36 -19.97 23.30
C ALA B 89 1.24 -19.22 22.58
N TYR B 90 0.10 -19.06 23.27
CA TYR B 90 -0.99 -18.32 22.65
C TYR B 90 -0.73 -16.82 22.62
N TRP B 91 -0.16 -16.26 23.70
CA TRP B 91 -0.12 -14.81 23.82
C TRP B 91 1.20 -14.36 24.46
N GLU B 92 2.31 -14.57 23.75
CA GLU B 92 3.58 -14.10 24.29
C GLU B 92 4.19 -13.08 23.34
N PRO B 93 4.89 -12.07 23.87
CA PRO B 93 5.55 -11.10 22.98
C PRO B 93 6.49 -11.82 22.03
N SER B 94 6.31 -11.56 20.75
CA SER B 94 7.00 -12.33 19.72
C SER B 94 7.27 -11.46 18.50
N LEU B 95 6.50 -10.38 18.34
CA LEU B 95 6.50 -9.64 17.08
C LEU B 95 7.89 -9.46 16.47
N ASP B 96 8.87 -9.03 17.28
CA ASP B 96 10.20 -8.79 16.71
C ASP B 96 10.77 -10.05 16.08
N LEU B 97 10.60 -11.19 16.74
CA LEU B 97 11.04 -12.47 16.18
C LEU B 97 10.31 -12.77 14.87
N ARG B 98 8.99 -12.60 14.86
CA ARG B 98 8.21 -12.90 13.67
C ARG B 98 8.61 -12.00 12.52
N GLN B 99 8.74 -10.70 12.79
CA GLN B 99 9.22 -9.75 11.79
C GLN B 99 10.60 -10.13 11.27
N ASP B 100 11.52 -10.49 12.17
CA ASP B 100 12.86 -10.90 11.74
C ASP B 100 12.78 -12.02 10.70
N ILE B 101 11.80 -12.91 10.85
CA ILE B 101 11.60 -13.98 9.89
C ILE B 101 10.94 -13.45 8.62
N VAL B 102 9.76 -12.84 8.74
CA VAL B 102 8.97 -12.60 7.54
C VAL B 102 9.44 -11.40 6.73
N VAL B 103 10.14 -10.43 7.34
CA VAL B 103 10.66 -9.33 6.54
C VAL B 103 11.67 -9.84 5.53
N VAL B 104 12.34 -10.94 5.84
CA VAL B 104 13.30 -11.57 4.93
C VAL B 104 12.64 -12.64 4.07
N GLU B 105 11.83 -13.51 4.67
CA GLU B 105 11.38 -14.68 3.93
C GLU B 105 10.23 -14.37 2.97
N VAL B 106 9.43 -13.35 3.25
CA VAL B 106 8.32 -13.02 2.35
C VAL B 106 8.87 -12.54 1.00
N PRO B 107 9.84 -11.62 0.94
CA PRO B 107 10.40 -11.28 -0.37
C PRO B 107 11.20 -12.42 -0.99
N LYS B 108 11.85 -13.25 -0.19
CA LYS B 108 12.58 -14.40 -0.75
C LYS B 108 11.62 -15.35 -1.48
N LEU B 109 10.48 -15.65 -0.85
CA LEU B 109 9.50 -16.51 -1.50
C LEU B 109 8.92 -15.83 -2.73
N GLY B 110 8.67 -14.52 -2.62
CA GLY B 110 8.21 -13.75 -3.76
C GLY B 110 9.19 -13.78 -4.92
N LYS B 111 10.49 -13.77 -4.62
CA LYS B 111 11.51 -13.86 -5.67
C LYS B 111 11.39 -15.16 -6.45
N GLN B 112 11.14 -16.26 -5.74
CA GLN B 112 10.98 -17.55 -6.43
C GLN B 112 9.79 -17.52 -7.37
N ALA B 113 8.67 -16.96 -6.92
CA ALA B 113 7.49 -16.88 -7.79
C ALA B 113 7.74 -15.93 -8.94
N ALA B 114 8.36 -14.77 -8.67
CA ALA B 114 8.64 -13.81 -9.73
C ALA B 114 9.59 -14.38 -10.76
N SER B 115 10.63 -15.09 -10.33
CA SER B 115 11.56 -15.68 -11.29
C SER B 115 10.86 -16.69 -12.20
N ALA B 116 9.92 -17.44 -11.64
CA ALA B 116 9.14 -18.37 -12.47
C ALA B 116 8.29 -17.61 -13.49
N ALA B 117 7.64 -16.52 -13.06
CA ALA B 117 6.82 -15.76 -13.99
C ALA B 117 7.67 -15.14 -15.09
N ILE B 118 8.82 -14.60 -14.71
CA ILE B 118 9.70 -13.96 -15.69
C ILE B 118 10.22 -14.98 -16.69
N LYS B 119 10.54 -16.20 -16.21
CA LYS B 119 11.00 -17.25 -17.12
C LYS B 119 9.93 -17.60 -18.15
N GLU B 120 8.68 -17.73 -17.70
CA GLU B 120 7.59 -18.04 -18.64
C GLU B 120 7.40 -16.90 -19.63
N TRP B 121 7.37 -15.67 -19.11
CA TRP B 121 7.21 -14.47 -19.93
C TRP B 121 8.23 -14.42 -21.05
N GLY B 122 9.48 -14.74 -20.74
CA GLY B 122 10.52 -14.87 -21.73
C GLY B 122 11.20 -13.58 -22.13
N GLN B 123 10.82 -12.45 -21.54
CA GLN B 123 11.43 -11.16 -21.83
C GLN B 123 12.47 -10.82 -20.78
N PRO B 124 13.46 -9.98 -21.12
CA PRO B 124 14.45 -9.58 -20.10
C PRO B 124 13.78 -8.83 -18.97
N LYS B 125 14.29 -9.06 -17.75
CA LYS B 125 13.71 -8.40 -16.58
C LYS B 125 13.85 -6.89 -16.64
N SER B 126 14.81 -6.37 -17.41
CA SER B 126 14.93 -4.93 -17.57
C SER B 126 13.72 -4.30 -18.22
N LYS B 127 12.84 -5.09 -18.83
CA LYS B 127 11.62 -4.54 -19.41
C LYS B 127 10.48 -4.40 -18.40
N ILE B 128 10.65 -4.90 -17.19
CA ILE B 128 9.67 -4.61 -16.13
C ILE B 128 9.79 -3.14 -15.74
N THR B 129 8.66 -2.43 -15.78
CA THR B 129 8.63 -0.99 -15.50
C THR B 129 7.99 -0.65 -14.16
N HIS B 130 7.16 -1.54 -13.62
CA HIS B 130 6.39 -1.30 -12.41
C HIS B 130 6.38 -2.57 -11.58
N LEU B 131 6.24 -2.40 -10.26
CA LEU B 131 6.17 -3.53 -9.34
C LEU B 131 5.10 -3.22 -8.31
N ILE B 132 4.20 -4.17 -8.08
CA ILE B 132 3.25 -4.13 -6.97
C ILE B 132 3.53 -5.37 -6.11
N PHE B 133 3.83 -5.14 -4.82
CA PHE B 133 4.09 -6.24 -3.89
C PHE B 133 3.04 -6.18 -2.80
N CYS B 134 2.29 -7.26 -2.62
CA CYS B 134 1.21 -7.34 -1.64
C CYS B 134 1.52 -8.44 -0.62
N THR B 135 1.46 -8.10 0.67
CA THR B 135 1.60 -9.10 1.71
C THR B 135 0.86 -8.68 2.97
N THR B 136 0.33 -9.68 3.67
CA THR B 136 -0.25 -9.51 4.99
C THR B 136 0.71 -9.97 6.09
N SER B 137 1.96 -10.29 5.73
CA SER B 137 2.91 -10.90 6.66
C SER B 137 4.12 -10.00 6.84
N GLY B 138 4.07 -9.10 7.82
CA GLY B 138 5.21 -8.26 8.16
C GLY B 138 5.18 -6.91 7.46
N VAL B 139 5.91 -5.95 8.03
CA VAL B 139 6.09 -4.62 7.44
C VAL B 139 7.49 -4.13 7.76
N ASP B 140 8.04 -3.30 6.88
CA ASP B 140 9.40 -2.79 7.06
C ASP B 140 9.57 -1.59 6.15
N MET B 141 10.57 -0.76 6.46
CA MET B 141 11.01 0.31 5.56
C MET B 141 12.53 0.26 5.36
N PRO B 142 13.01 0.20 4.11
CA PRO B 142 12.23 0.03 2.87
C PRO B 142 11.49 -1.30 2.91
N GLY B 143 10.47 -1.43 2.08
CA GLY B 143 9.51 -2.51 2.21
C GLY B 143 9.86 -3.73 1.39
N ALA B 144 8.91 -4.67 1.40
CA ALA B 144 9.07 -5.92 0.66
C ALA B 144 9.20 -5.68 -0.84
N ASP B 145 8.60 -4.60 -1.35
CA ASP B 145 8.78 -4.25 -2.76
C ASP B 145 10.25 -3.93 -3.06
N TRP B 146 10.85 -3.08 -2.23
CA TRP B 146 12.27 -2.76 -2.38
C TRP B 146 13.11 -4.03 -2.28
N ALA B 147 12.83 -4.85 -1.27
CA ALA B 147 13.60 -6.08 -1.11
C ALA B 147 13.50 -6.96 -2.36
N LEU B 148 12.29 -7.15 -2.89
CA LEU B 148 12.16 -7.99 -4.07
C LEU B 148 12.89 -7.39 -5.27
N ALA B 149 12.76 -6.08 -5.47
CA ALA B 149 13.43 -5.43 -6.60
C ALA B 149 14.95 -5.62 -6.51
N LYS B 150 15.50 -5.49 -5.30
CA LYS B 150 16.93 -5.68 -5.09
C LYS B 150 17.34 -7.13 -5.29
N LEU B 151 16.53 -8.07 -4.79
CA LEU B 151 16.85 -9.49 -4.97
C LEU B 151 16.83 -9.88 -6.45
N LEU B 152 15.84 -9.39 -7.21
CA LEU B 152 15.76 -9.71 -8.63
C LEU B 152 16.74 -8.94 -9.49
N GLY B 153 17.19 -7.78 -9.03
CA GLY B 153 18.00 -6.92 -9.88
C GLY B 153 17.18 -6.17 -10.90
N LEU B 154 15.96 -5.74 -10.54
CA LEU B 154 15.18 -4.92 -11.43
C LEU B 154 15.89 -3.58 -11.64
N ARG B 155 15.53 -2.90 -12.73
CA ARG B 155 16.06 -1.56 -12.99
C ARG B 155 15.83 -0.67 -11.78
N SER B 156 16.82 0.19 -11.50
CA SER B 156 16.69 1.09 -10.36
C SER B 156 15.52 2.05 -10.49
N SER B 157 15.01 2.24 -11.70
CA SER B 157 13.92 3.17 -11.94
C SER B 157 12.57 2.49 -11.98
N VAL B 158 12.46 1.22 -11.54
CA VAL B 158 11.15 0.58 -11.54
C VAL B 158 10.24 1.30 -10.55
N LYS B 159 9.00 1.53 -10.97
CA LYS B 159 8.01 2.22 -10.15
C LYS B 159 7.35 1.20 -9.25
N ARG B 160 7.63 1.29 -7.94
CA ARG B 160 7.23 0.28 -6.97
C ARG B 160 6.03 0.73 -6.15
N LEU B 161 5.33 -0.26 -5.62
CA LEU B 161 4.21 -0.01 -4.72
C LEU B 161 4.13 -1.19 -3.77
N VAL B 162 4.10 -0.94 -2.46
CA VAL B 162 3.93 -2.02 -1.50
C VAL B 162 2.58 -1.89 -0.82
N LEU B 163 1.81 -2.97 -0.89
CA LEU B 163 0.46 -3.06 -0.32
C LEU B 163 0.57 -3.96 0.90
N TYR B 164 0.67 -3.35 2.07
CA TYR B 164 0.82 -4.07 3.32
C TYR B 164 -0.52 -4.20 4.04
N MET B 165 -0.62 -5.25 4.88
CA MET B 165 -1.78 -5.42 5.77
C MET B 165 -3.10 -5.37 4.99
N GLN B 166 -3.10 -6.00 3.82
CA GLN B 166 -4.30 -6.02 3.00
C GLN B 166 -5.28 -7.10 3.47
N GLY B 167 -4.78 -8.30 3.68
CA GLY B 167 -5.68 -9.40 4.00
C GLY B 167 -6.17 -10.08 2.74
N CYS B 168 -7.24 -10.84 2.90
CA CYS B 168 -7.56 -11.85 1.90
C CYS B 168 -8.20 -11.29 0.64
N TYR B 169 -8.49 -9.99 0.57
CA TYR B 169 -9.00 -9.42 -0.68
C TYR B 169 -7.88 -8.90 -1.59
N GLY B 170 -6.62 -9.03 -1.16
CA GLY B 170 -5.54 -8.31 -1.83
C GLY B 170 -5.25 -8.78 -3.24
N GLY B 171 -5.57 -10.04 -3.56
CA GLY B 171 -5.40 -10.50 -4.93
C GLY B 171 -6.30 -9.77 -5.91
N GLY B 172 -7.47 -9.33 -5.45
CA GLY B 172 -8.30 -8.48 -6.28
C GLY B 172 -7.73 -7.08 -6.37
N THR B 173 -7.29 -6.54 -5.22
CA THR B 173 -6.73 -5.19 -5.19
C THR B 173 -5.55 -5.03 -6.14
N VAL B 174 -4.61 -5.99 -6.15
CA VAL B 174 -3.42 -5.82 -6.98
C VAL B 174 -3.80 -5.78 -8.45
N LEU B 175 -4.83 -6.53 -8.85
CA LEU B 175 -5.28 -6.49 -10.23
C LEU B 175 -5.97 -5.16 -10.55
N ARG B 176 -6.75 -4.66 -9.60
CA ARG B 176 -7.42 -3.38 -9.80
C ARG B 176 -6.40 -2.27 -10.04
N ILE B 177 -5.30 -2.28 -9.30
CA ILE B 177 -4.27 -1.27 -9.48
C ILE B 177 -3.45 -1.54 -10.74
N ALA B 178 -3.04 -2.79 -10.94
CA ALA B 178 -2.20 -3.12 -12.10
C ALA B 178 -2.90 -2.78 -13.41
N LYS B 179 -4.24 -2.92 -13.46
CA LYS B 179 -5.00 -2.58 -14.65
C LYS B 179 -4.70 -1.16 -15.10
N ASP B 180 -4.73 -0.21 -14.17
CA ASP B 180 -4.53 1.19 -14.55
C ASP B 180 -3.07 1.51 -14.83
N LEU B 181 -2.13 0.88 -14.10
CA LEU B 181 -0.71 1.05 -14.42
C LEU B 181 -0.41 0.57 -15.83
N ALA B 182 -0.93 -0.61 -16.19
CA ALA B 182 -0.63 -1.18 -17.50
C ALA B 182 -1.31 -0.38 -18.62
N GLU B 183 -2.56 0.02 -18.41
CA GLU B 183 -3.33 0.63 -19.50
C GLU B 183 -2.97 2.09 -19.71
N ASN B 184 -2.56 2.79 -18.66
CA ASN B 184 -2.29 4.21 -18.81
C ASN B 184 -0.84 4.52 -19.17
N ASN B 185 -0.01 3.49 -19.42
CA ASN B 185 1.41 3.72 -19.65
C ASN B 185 1.86 2.83 -20.80
N LYS B 186 2.09 3.42 -21.97
CA LYS B 186 2.50 2.65 -23.13
C LYS B 186 3.77 1.88 -22.82
N GLY B 187 3.75 0.58 -23.12
CA GLY B 187 4.90 -0.28 -22.91
C GLY B 187 5.10 -0.76 -21.50
N ALA B 188 4.24 -0.35 -20.56
CA ALA B 188 4.42 -0.75 -19.16
C ALA B 188 4.27 -2.26 -19.03
N ARG B 189 5.14 -2.85 -18.21
CA ARG B 189 5.04 -4.27 -17.87
C ARG B 189 5.14 -4.35 -16.35
N VAL B 190 4.06 -4.79 -15.72
CA VAL B 190 3.89 -4.71 -14.27
C VAL B 190 4.15 -6.07 -13.68
N LEU B 191 5.16 -6.17 -12.81
CA LEU B 191 5.35 -7.38 -12.04
C LEU B 191 4.47 -7.27 -10.79
N VAL B 192 3.58 -8.24 -10.60
CA VAL B 192 2.65 -8.25 -9.48
C VAL B 192 2.98 -9.46 -8.62
N VAL B 193 3.26 -9.24 -7.34
CA VAL B 193 3.63 -10.34 -6.45
C VAL B 193 2.78 -10.26 -5.19
N CYS B 194 2.16 -11.39 -4.81
CA CYS B 194 1.52 -11.55 -3.51
C CYS B 194 2.24 -12.66 -2.80
N SER B 195 2.67 -12.44 -1.57
CA SER B 195 3.47 -13.42 -0.86
C SER B 195 3.05 -13.44 0.60
N GLU B 196 2.76 -14.64 1.13
CA GLU B 196 2.15 -14.76 2.46
C GLU B 196 2.85 -15.86 3.24
N ILE B 197 3.25 -15.57 4.48
CA ILE B 197 3.90 -16.55 5.34
C ILE B 197 3.28 -16.45 6.73
N THR B 198 2.69 -17.55 7.20
CA THR B 198 1.87 -17.57 8.42
C THR B 198 2.68 -17.54 9.70
N ALA B 199 4.03 -17.48 9.61
CA ALA B 199 4.83 -17.27 10.81
C ALA B 199 4.42 -16.00 11.54
N ILE B 200 3.80 -15.05 10.84
CA ILE B 200 3.36 -13.81 11.47
C ILE B 200 2.19 -14.03 12.40
N THR B 201 1.38 -15.08 12.16
CA THR B 201 0.17 -15.32 12.95
C THR B 201 0.20 -16.58 13.80
N PHE B 202 1.06 -17.56 13.49
CA PHE B 202 1.06 -18.82 14.23
C PHE B 202 1.13 -18.58 15.74
N ARG B 203 0.23 -19.20 16.50
CA ARG B 203 0.32 -19.14 17.95
C ARG B 203 -0.38 -20.36 18.54
N GLY B 204 -0.15 -20.58 19.83
CA GLY B 204 -0.76 -21.69 20.54
C GLY B 204 -2.26 -21.53 20.67
N PRO B 205 -2.96 -22.61 21.03
CA PRO B 205 -4.42 -22.58 21.09
C PRO B 205 -4.95 -22.01 22.41
N SER B 206 -6.12 -21.36 22.32
CA SER B 206 -6.78 -20.76 23.48
C SER B 206 -8.29 -20.94 23.36
N ASP B 207 -8.92 -21.47 24.41
CA ASP B 207 -10.35 -21.77 24.31
C ASP B 207 -11.24 -20.54 24.47
N THR B 208 -10.74 -19.37 24.70
CA THR B 208 -11.62 -18.23 24.61
C THR B 208 -11.57 -17.54 23.25
N HIS B 209 -10.77 -18.08 22.35
CA HIS B 209 -10.49 -17.46 21.07
C HIS B 209 -10.49 -18.52 19.99
N LEU B 210 -11.61 -19.19 19.84
CA LEU B 210 -11.77 -20.11 18.76
C LEU B 210 -11.56 -19.53 17.38
N ASP B 211 -11.82 -18.25 17.18
CA ASP B 211 -11.60 -17.67 15.87
C ASP B 211 -10.13 -17.72 15.43
N SER B 212 -9.22 -17.54 16.35
CA SER B 212 -7.84 -17.77 16.08
C SER B 212 -7.46 -19.20 15.64
N LEU B 213 -8.14 -20.18 16.19
CA LEU B 213 -7.93 -21.55 15.82
C LEU B 213 -8.29 -21.78 14.37
N VAL B 214 -9.30 -21.10 13.91
CA VAL B 214 -9.70 -21.17 12.54
C VAL B 214 -8.53 -20.96 11.56
N GLY B 215 -7.76 -19.92 11.79
CA GLY B 215 -6.58 -19.72 10.99
C GLY B 215 -5.58 -20.83 11.06
N GLN B 216 -5.44 -21.44 12.23
CA GLN B 216 -4.50 -22.55 12.32
C GLN B 216 -4.93 -23.73 11.49
N ALA B 217 -6.23 -23.87 11.23
CA ALA B 217 -6.72 -24.96 10.42
C ALA B 217 -6.66 -24.64 8.93
N LEU B 218 -6.71 -23.35 8.55
CA LEU B 218 -6.94 -22.98 7.16
C LEU B 218 -5.76 -22.32 6.46
N PHE B 219 -5.00 -21.48 7.15
CA PHE B 219 -4.02 -20.63 6.47
C PHE B 219 -2.77 -21.42 6.08
N GLY B 220 -2.31 -21.23 4.84
CA GLY B 220 -1.06 -21.78 4.38
C GLY B 220 -0.18 -20.70 3.79
N ASP B 221 1.03 -21.10 3.40
CA ASP B 221 2.02 -20.16 2.87
C ASP B 221 2.15 -20.30 1.36
N GLY B 222 2.49 -19.20 0.70
CA GLY B 222 2.75 -19.26 -0.73
C GLY B 222 2.93 -17.89 -1.34
N ALA B 223 3.51 -17.84 -2.55
CA ALA B 223 3.63 -16.59 -3.29
C ALA B 223 3.23 -16.82 -4.73
N SER B 224 2.59 -15.82 -5.34
CA SER B 224 2.26 -15.89 -6.74
C SER B 224 2.71 -14.59 -7.41
N ALA B 225 3.04 -14.69 -8.69
CA ALA B 225 3.57 -13.53 -9.40
C ALA B 225 2.99 -13.51 -10.80
N LEU B 226 2.61 -12.32 -11.25
CA LEU B 226 2.10 -12.08 -12.59
C LEU B 226 2.98 -11.09 -13.32
N ILE B 227 3.01 -11.21 -14.64
CA ILE B 227 3.39 -10.09 -15.50
C ILE B 227 2.09 -9.59 -16.12
N VAL B 228 1.81 -8.30 -15.96
CA VAL B 228 0.59 -7.69 -16.48
C VAL B 228 0.98 -6.57 -17.43
N GLY B 229 0.38 -6.55 -18.61
CA GLY B 229 0.68 -5.50 -19.57
C GLY B 229 -0.40 -5.43 -20.62
N SER B 230 -0.56 -4.25 -21.20
CA SER B 230 -1.42 -4.07 -22.37
C SER B 230 -0.61 -4.25 -23.64
N ASP B 231 -1.32 -4.53 -24.74
CA ASP B 231 -0.77 -4.61 -26.08
C ASP B 231 0.38 -5.61 -26.16
N PRO B 232 0.12 -6.89 -25.90
CA PRO B 232 1.21 -7.88 -25.94
C PRO B 232 1.80 -7.97 -27.34
N VAL B 233 3.12 -8.14 -27.40
CA VAL B 233 3.83 -8.18 -28.68
C VAL B 233 3.47 -9.46 -29.42
N PRO B 234 2.93 -9.37 -30.64
CA PRO B 234 2.49 -10.57 -31.36
C PRO B 234 3.65 -11.54 -31.57
N ALA B 235 3.34 -12.83 -31.40
CA ALA B 235 4.29 -13.94 -31.58
C ALA B 235 5.46 -13.88 -30.61
N VAL B 236 5.43 -12.98 -29.64
CA VAL B 236 6.48 -12.85 -28.65
C VAL B 236 5.94 -13.04 -27.23
N GLU B 237 4.92 -12.27 -26.88
CA GLU B 237 4.23 -12.42 -25.60
C GLU B 237 2.91 -13.13 -25.84
N ARG B 238 2.36 -13.69 -24.75
CA ARG B 238 1.12 -14.46 -24.81
C ARG B 238 0.22 -14.02 -23.69
N ALA B 239 -0.99 -13.56 -24.03
CA ALA B 239 -1.98 -13.20 -23.02
C ALA B 239 -2.76 -14.45 -22.62
N TRP B 240 -3.06 -14.55 -21.32
CA TRP B 240 -3.83 -15.65 -20.75
C TRP B 240 -5.18 -15.21 -20.22
N PHE B 241 -5.26 -14.03 -19.62
CA PHE B 241 -6.52 -13.45 -19.17
C PHE B 241 -6.44 -11.94 -19.40
N GLU B 242 -7.60 -11.31 -19.63
CA GLU B 242 -7.70 -9.86 -19.76
C GLU B 242 -8.51 -9.29 -18.60
N LEU B 243 -8.07 -8.14 -18.08
CA LEU B 243 -8.82 -7.41 -17.06
C LEU B 243 -9.73 -6.39 -17.74
N HIS B 244 -11.04 -6.48 -17.48
CA HIS B 244 -11.99 -5.61 -18.15
C HIS B 244 -12.80 -4.70 -17.24
N TRP B 245 -13.06 -5.11 -16.00
CA TRP B 245 -13.88 -4.29 -15.12
C TRP B 245 -13.51 -4.63 -13.68
N THR B 246 -13.47 -3.60 -12.83
CA THR B 246 -13.13 -3.79 -11.43
C THR B 246 -14.12 -3.03 -10.56
N GLY B 247 -14.39 -3.60 -9.39
CA GLY B 247 -15.25 -2.96 -8.42
C GLY B 247 -14.83 -3.39 -7.03
N SER B 248 -15.17 -2.57 -6.05
CA SER B 248 -14.88 -2.90 -4.67
C SER B 248 -16.07 -2.44 -3.83
N ASP B 249 -16.47 -3.25 -2.84
CA ASP B 249 -17.63 -2.90 -2.01
C ASP B 249 -17.37 -3.26 -0.55
N ILE B 250 -17.80 -2.37 0.34
CA ILE B 250 -17.92 -2.71 1.76
C ILE B 250 -19.33 -3.25 1.98
N LEU B 251 -19.43 -4.47 2.48
CA LEU B 251 -20.74 -5.10 2.63
C LEU B 251 -21.49 -4.50 3.81
N PRO B 252 -22.81 -4.34 3.71
CA PRO B 252 -23.57 -3.77 4.82
C PRO B 252 -23.59 -4.68 6.03
N ASN B 253 -23.72 -4.07 7.20
CA ASN B 253 -23.84 -4.80 8.46
C ASN B 253 -22.68 -5.77 8.65
N SER B 254 -21.47 -5.33 8.29
CA SER B 254 -20.31 -6.21 8.35
C SER B 254 -19.19 -5.63 9.20
N ASP B 255 -19.48 -4.60 10.00
CA ASP B 255 -18.47 -3.99 10.85
C ASP B 255 -17.93 -5.01 11.84
N GLY B 256 -16.62 -5.25 11.80
CA GLY B 256 -15.99 -6.20 12.71
C GLY B 256 -16.03 -7.65 12.28
N ALA B 257 -16.53 -7.95 11.08
CA ALA B 257 -16.64 -9.34 10.65
C ALA B 257 -15.28 -10.01 10.55
N ILE B 258 -14.28 -9.30 10.02
CA ILE B 258 -12.91 -9.79 9.90
C ILE B 258 -11.98 -8.66 10.32
N ASP B 259 -11.35 -8.78 11.49
CA ASP B 259 -10.38 -7.79 11.96
C ASP B 259 -9.02 -8.46 12.07
N GLY B 260 -7.96 -7.68 11.86
CA GLY B 260 -6.63 -8.22 12.07
C GLY B 260 -5.74 -7.13 12.63
N HIS B 261 -5.07 -7.38 13.75
CA HIS B 261 -4.24 -6.35 14.37
C HIS B 261 -2.80 -6.82 14.48
N LEU B 262 -1.86 -5.92 14.18
CA LEU B 262 -0.45 -6.24 14.36
C LEU B 262 -0.05 -5.82 15.76
N LYS B 263 0.08 -6.80 16.65
CA LYS B 263 0.32 -6.60 18.08
C LYS B 263 1.72 -7.04 18.47
N GLU B 264 2.08 -6.76 19.73
CA GLU B 264 3.35 -7.23 20.24
C GLU B 264 3.44 -8.75 20.26
N VAL B 265 2.30 -9.44 20.21
CA VAL B 265 2.27 -10.90 20.16
C VAL B 265 2.19 -11.41 18.72
N GLY B 266 2.31 -10.52 17.73
CA GLY B 266 2.19 -10.89 16.33
C GLY B 266 0.86 -10.46 15.74
N LEU B 267 0.59 -10.95 14.55
CA LEU B 267 -0.67 -10.62 13.89
C LEU B 267 -1.79 -11.47 14.49
N THR B 268 -2.86 -10.81 14.96
CA THR B 268 -3.98 -11.50 15.58
C THR B 268 -5.22 -11.26 14.72
N PHE B 269 -6.10 -12.25 14.67
CA PHE B 269 -7.31 -12.13 13.88
C PHE B 269 -8.53 -12.26 14.77
N HIS B 270 -9.56 -11.46 14.48
CA HIS B 270 -10.88 -11.61 15.07
C HIS B 270 -11.86 -11.82 13.92
N LEU B 271 -12.66 -12.89 13.98
CA LEU B 271 -13.25 -13.50 12.80
C LEU B 271 -14.63 -14.05 13.11
N MET B 272 -15.68 -13.38 12.63
CA MET B 272 -17.04 -13.66 13.07
C MET B 272 -17.53 -14.94 12.38
N LYS B 273 -18.25 -15.77 13.12
CA LYS B 273 -19.18 -16.72 12.49
C LYS B 273 -20.17 -16.03 11.53
N ASP B 274 -20.47 -16.70 10.47
CA ASP B 274 -21.19 -16.05 9.35
C ASP B 274 -20.76 -14.72 8.71
N VAL B 275 -19.48 -14.51 8.67
CA VAL B 275 -18.85 -14.18 7.42
C VAL B 275 -19.46 -14.90 6.20
N PRO B 276 -19.54 -16.24 6.20
CA PRO B 276 -20.17 -16.87 5.03
C PRO B 276 -21.57 -16.36 4.73
N ALA B 277 -22.39 -16.11 5.76
CA ALA B 277 -23.74 -15.61 5.52
C ALA B 277 -23.72 -14.20 4.98
N ILE B 278 -22.83 -13.34 5.50
CA ILE B 278 -22.74 -11.97 5.00
C ILE B 278 -22.33 -11.97 3.54
N ILE B 279 -21.32 -12.76 3.19
CA ILE B 279 -20.84 -12.78 1.81
C ILE B 279 -21.94 -13.32 0.89
N SER B 280 -22.57 -14.43 1.28
CA SER B 280 -23.52 -15.05 0.38
C SER B 280 -24.83 -14.27 0.28
N LYS B 281 -25.19 -13.50 1.31
CA LYS B 281 -26.40 -12.67 1.22
C LYS B 281 -26.22 -11.53 0.22
N ASN B 282 -24.99 -11.05 0.06
CA ASN B 282 -24.73 -9.83 -0.70
C ASN B 282 -24.13 -10.06 -2.09
N ILE B 283 -23.52 -11.23 -2.34
CA ILE B 283 -22.71 -11.35 -3.54
C ILE B 283 -23.55 -11.31 -4.80
N GLY B 284 -24.77 -11.84 -4.76
CA GLY B 284 -25.62 -11.84 -5.94
C GLY B 284 -25.89 -10.45 -6.47
N GLY B 285 -26.24 -9.51 -5.57
CA GLY B 285 -26.53 -8.16 -6.00
C GLY B 285 -25.30 -7.44 -6.53
N ILE B 286 -24.13 -7.75 -5.95
CA ILE B 286 -22.88 -7.16 -6.42
C ILE B 286 -22.57 -7.65 -7.82
N LEU B 287 -22.71 -8.96 -8.06
CA LEU B 287 -22.36 -9.50 -9.38
C LEU B 287 -23.39 -9.10 -10.43
N LYS B 288 -24.67 -9.07 -10.07
CA LYS B 288 -25.68 -8.61 -11.00
C LYS B 288 -25.39 -7.18 -11.43
N ASP B 289 -24.94 -6.34 -10.48
CA ASP B 289 -24.59 -4.97 -10.77
C ASP B 289 -23.38 -4.88 -11.69
N ALA B 290 -22.33 -5.63 -11.36
CA ALA B 290 -21.11 -5.60 -12.17
C ALA B 290 -21.37 -6.07 -13.59
N LEU B 291 -22.07 -7.20 -13.72
CA LEU B 291 -22.35 -7.74 -15.06
C LEU B 291 -23.24 -6.80 -15.87
N ALA B 292 -24.13 -6.08 -15.21
CA ALA B 292 -24.98 -5.11 -15.92
C ALA B 292 -24.15 -3.94 -16.45
N LYS B 293 -23.07 -3.58 -15.76
CA LYS B 293 -22.21 -2.51 -16.26
C LYS B 293 -21.30 -2.98 -17.38
N VAL B 294 -20.86 -4.24 -17.34
CA VAL B 294 -20.03 -4.77 -18.41
C VAL B 294 -20.85 -5.09 -19.65
N PHE B 295 -22.11 -5.48 -19.48
CA PHE B 295 -23.00 -5.85 -20.60
C PHE B 295 -24.26 -5.00 -20.56
N PRO B 296 -24.16 -3.71 -20.84
CA PRO B 296 -25.34 -2.85 -20.72
C PRO B 296 -26.31 -3.06 -21.88
N ALA B 297 -27.58 -2.84 -21.57
CA ALA B 297 -28.62 -2.81 -22.60
C ALA B 297 -28.70 -1.41 -23.18
N ALA B 298 -28.98 -1.34 -24.48
CA ALA B 298 -29.14 -0.06 -25.15
C ALA B 298 -30.12 -0.19 -26.32
N ALA B 311 -27.85 -5.29 -28.01
CA ALA B 311 -26.75 -5.45 -27.07
C ALA B 311 -26.83 -6.80 -26.36
N PRO B 312 -25.73 -7.54 -26.37
CA PRO B 312 -25.77 -8.92 -25.84
C PRO B 312 -25.93 -8.93 -24.34
N PRO B 313 -26.70 -9.87 -23.81
CA PRO B 313 -26.96 -9.90 -22.37
C PRO B 313 -25.77 -10.42 -21.61
N PRO B 314 -25.73 -10.24 -20.30
CA PRO B 314 -24.68 -10.88 -19.50
C PRO B 314 -24.80 -12.39 -19.61
N PRO B 315 -23.68 -13.11 -19.64
CA PRO B 315 -23.74 -14.56 -19.49
C PRO B 315 -24.41 -14.92 -18.17
N THR B 316 -25.00 -16.10 -18.13
CA THR B 316 -25.47 -16.64 -16.86
C THR B 316 -24.28 -17.02 -15.99
N TYR B 317 -24.53 -17.07 -14.66
CA TYR B 317 -23.48 -17.48 -13.74
C TYR B 317 -22.80 -18.77 -14.16
N ASN B 318 -23.58 -19.75 -14.65
CA ASN B 318 -22.96 -21.01 -14.97
C ASN B 318 -22.22 -21.00 -16.32
N ASP B 319 -22.32 -19.92 -17.09
CA ASP B 319 -21.50 -19.76 -18.27
C ASP B 319 -20.29 -18.86 -18.03
N LEU B 320 -20.02 -18.51 -16.78
CA LEU B 320 -18.80 -17.80 -16.42
C LEU B 320 -17.80 -18.76 -15.80
N PHE B 321 -16.53 -18.37 -15.84
CA PHE B 321 -15.55 -19.08 -15.03
C PHE B 321 -15.33 -18.31 -13.73
N TRP B 322 -14.98 -19.06 -12.68
CA TRP B 322 -14.98 -18.54 -11.31
C TRP B 322 -13.62 -18.72 -10.66
N ILE B 323 -13.01 -17.62 -10.26
CA ILE B 323 -11.76 -17.63 -9.52
C ILE B 323 -12.08 -16.96 -8.19
N THR B 324 -12.47 -17.75 -7.19
CA THR B 324 -13.04 -17.24 -5.97
C THR B 324 -12.09 -17.46 -4.80
N HIS B 325 -11.82 -16.41 -4.03
CA HIS B 325 -10.95 -16.59 -2.87
C HIS B 325 -11.58 -17.60 -1.92
N PRO B 326 -10.92 -18.72 -1.62
CA PRO B 326 -11.51 -19.74 -0.73
C PRO B 326 -11.19 -19.42 0.73
N GLY B 327 -11.83 -18.40 1.25
CA GLY B 327 -11.57 -18.03 2.64
C GLY B 327 -11.80 -19.21 3.58
N GLY B 328 -12.81 -20.01 3.30
CA GLY B 328 -13.05 -21.26 3.96
C GLY B 328 -14.10 -22.00 3.18
N PRO B 329 -14.28 -23.30 3.44
CA PRO B 329 -15.27 -24.06 2.66
C PRO B 329 -16.69 -23.55 2.85
N ALA B 330 -17.03 -23.00 4.01
CA ALA B 330 -18.40 -22.54 4.23
C ALA B 330 -18.73 -21.36 3.34
N ILE B 331 -17.75 -20.49 3.08
CA ILE B 331 -17.96 -19.41 2.12
C ILE B 331 -18.26 -19.96 0.74
N LEU B 332 -17.46 -20.91 0.27
CA LEU B 332 -17.67 -21.50 -1.05
C LEU B 332 -19.03 -22.19 -1.13
N ASP B 333 -19.37 -22.98 -0.11
CA ASP B 333 -20.63 -23.72 -0.13
C ASP B 333 -21.82 -22.77 -0.15
N GLN B 334 -21.75 -21.68 0.62
CA GLN B 334 -22.92 -20.81 0.70
C GLN B 334 -23.07 -19.96 -0.56
N VAL B 335 -21.95 -19.50 -1.13
CA VAL B 335 -22.01 -18.78 -2.41
C VAL B 335 -22.54 -19.68 -3.50
N GLU B 336 -22.02 -20.90 -3.59
CA GLU B 336 -22.48 -21.87 -4.58
C GLU B 336 -23.97 -22.12 -4.45
N ASP B 337 -24.46 -22.29 -3.21
CA ASP B 337 -25.88 -22.52 -2.99
C ASP B 337 -26.71 -21.30 -3.36
N ARG B 338 -26.34 -20.13 -2.84
CA ARG B 338 -27.14 -18.93 -3.05
C ARG B 338 -27.20 -18.54 -4.52
N LEU B 339 -26.11 -18.72 -5.25
CA LEU B 339 -26.09 -18.35 -6.66
C LEU B 339 -26.54 -19.48 -7.59
N GLY B 340 -26.86 -20.65 -7.06
CA GLY B 340 -27.27 -21.75 -7.91
C GLY B 340 -26.20 -22.27 -8.85
N LEU B 341 -24.94 -22.23 -8.43
CA LEU B 341 -23.85 -22.70 -9.27
C LEU B 341 -23.84 -24.21 -9.37
N ARG B 342 -23.60 -24.72 -10.58
CA ARG B 342 -23.33 -26.14 -10.72
C ARG B 342 -22.09 -26.50 -9.93
N LYS B 343 -22.03 -27.76 -9.48
CA LYS B 343 -21.02 -28.18 -8.53
C LYS B 343 -19.60 -28.10 -9.06
N ASP B 344 -19.42 -28.02 -10.38
CA ASP B 344 -18.08 -27.97 -10.95
C ASP B 344 -17.56 -26.55 -11.17
N LYS B 345 -18.39 -25.52 -10.96
CA LYS B 345 -17.93 -24.16 -11.19
C LYS B 345 -16.76 -23.79 -10.29
N LEU B 346 -16.75 -24.28 -9.05
CA LEU B 346 -15.70 -23.92 -8.11
C LEU B 346 -14.62 -25.00 -8.01
N ALA B 347 -14.51 -25.87 -9.02
CA ALA B 347 -13.57 -26.99 -8.93
C ALA B 347 -12.12 -26.52 -8.86
N SER B 348 -11.72 -25.56 -9.70
CA SER B 348 -10.33 -25.10 -9.64
C SER B 348 -10.04 -24.41 -8.31
N THR B 349 -10.99 -23.61 -7.84
CA THR B 349 -10.86 -22.96 -6.53
C THR B 349 -10.69 -23.98 -5.42
N ARG B 350 -11.56 -25.00 -5.38
CA ARG B 350 -11.48 -25.99 -4.32
C ARG B 350 -10.23 -26.85 -4.45
N ALA B 351 -9.69 -27.03 -5.66
CA ALA B 351 -8.45 -27.78 -5.80
C ALA B 351 -7.27 -27.04 -5.14
N VAL B 352 -7.23 -25.73 -5.29
CA VAL B 352 -6.14 -24.99 -4.65
C VAL B 352 -6.33 -24.99 -3.14
N LEU B 353 -7.55 -24.78 -2.65
CA LEU B 353 -7.79 -24.89 -1.22
C LEU B 353 -7.33 -26.25 -0.70
N ASP B 354 -7.63 -27.32 -1.44
CA ASP B 354 -7.31 -28.67 -0.97
C ASP B 354 -5.81 -28.91 -0.87
N GLN B 355 -5.05 -28.36 -1.82
CA GLN B 355 -3.62 -28.65 -1.94
C GLN B 355 -2.73 -27.60 -1.29
N PHE B 356 -3.27 -26.42 -0.94
CA PHE B 356 -2.46 -25.33 -0.43
C PHE B 356 -3.04 -24.62 0.77
N GLY B 357 -4.31 -24.84 1.10
CA GLY B 357 -4.97 -24.04 2.10
C GLY B 357 -5.28 -22.65 1.58
N ASN B 358 -5.69 -21.80 2.52
CA ASN B 358 -5.97 -20.39 2.28
C ASN B 358 -4.66 -19.61 2.40
N MET B 359 -4.11 -19.17 1.26
CA MET B 359 -2.86 -18.42 1.25
C MET B 359 -3.11 -16.92 1.15
N SER B 360 -4.20 -16.45 1.74
CA SER B 360 -4.52 -15.01 1.78
C SER B 360 -4.48 -14.42 0.37
N SER B 361 -3.86 -13.26 0.16
CA SER B 361 -3.98 -12.55 -1.12
C SER B 361 -3.41 -13.34 -2.30
N ALA B 362 -2.51 -14.28 -2.07
CA ALA B 362 -1.93 -15.02 -3.18
C ALA B 362 -2.85 -16.06 -3.77
N THR B 363 -3.89 -16.47 -3.04
CA THR B 363 -4.63 -17.68 -3.40
C THR B 363 -5.31 -17.56 -4.76
N VAL B 364 -5.93 -16.41 -5.05
CA VAL B 364 -6.68 -16.34 -6.31
C VAL B 364 -5.75 -16.43 -7.50
N LEU B 365 -4.48 -16.04 -7.36
CA LEU B 365 -3.56 -16.18 -8.48
C LEU B 365 -3.10 -17.62 -8.65
N PHE B 366 -2.99 -18.40 -7.56
CA PHE B 366 -2.79 -19.84 -7.71
C PHE B 366 -3.96 -20.46 -8.44
N ILE B 367 -5.18 -20.00 -8.15
CA ILE B 367 -6.36 -20.59 -8.80
C ILE B 367 -6.38 -20.21 -10.28
N MET B 368 -5.99 -18.97 -10.59
CA MET B 368 -5.89 -18.56 -11.98
C MET B 368 -4.90 -19.43 -12.74
N ASP B 369 -3.78 -19.78 -12.10
CA ASP B 369 -2.80 -20.69 -12.71
C ASP B 369 -3.37 -22.09 -12.85
N GLU B 370 -4.05 -22.59 -11.81
CA GLU B 370 -4.64 -23.92 -11.89
C GLU B 370 -5.67 -23.99 -13.02
N MET B 371 -6.44 -22.93 -13.19
CA MET B 371 -7.52 -22.97 -14.18
C MET B 371 -6.97 -22.98 -15.60
N ARG B 372 -5.97 -22.14 -15.89
CA ARG B 372 -5.43 -22.15 -17.25
C ARG B 372 -4.74 -23.48 -17.54
N LYS B 373 -4.10 -24.08 -16.53
CA LYS B 373 -3.40 -25.34 -16.74
C LYS B 373 -4.39 -26.48 -16.96
N ARG B 374 -5.49 -26.50 -16.20
CA ARG B 374 -6.53 -27.49 -16.45
C ARG B 374 -7.12 -27.33 -17.83
N SER B 375 -7.31 -26.07 -18.26
CA SER B 375 -7.95 -25.81 -19.54
C SER B 375 -7.07 -26.29 -20.69
N VAL B 376 -5.76 -26.08 -20.59
CA VAL B 376 -4.84 -26.59 -21.61
C VAL B 376 -4.81 -28.11 -21.58
N GLU B 377 -4.64 -28.71 -20.39
CA GLU B 377 -4.51 -30.16 -20.28
C GLU B 377 -5.76 -30.87 -20.76
N GLN B 378 -6.94 -30.37 -20.42
CA GLN B 378 -8.18 -31.01 -20.82
C GLN B 378 -8.63 -30.63 -22.22
N GLN B 379 -7.88 -29.75 -22.89
CA GLN B 379 -8.19 -29.31 -24.25
C GLN B 379 -9.57 -28.66 -24.33
N LEU B 380 -9.78 -27.67 -23.47
CA LEU B 380 -10.98 -26.85 -23.46
C LEU B 380 -10.77 -25.62 -24.34
N GLY B 381 -11.87 -24.92 -24.63
CA GLY B 381 -11.84 -23.88 -25.66
C GLY B 381 -11.15 -22.60 -25.28
N THR B 382 -11.05 -22.29 -23.99
CA THR B 382 -10.42 -21.06 -23.53
C THR B 382 -9.61 -21.33 -22.26
N THR B 383 -8.80 -20.34 -21.86
CA THR B 383 -8.09 -20.43 -20.61
C THR B 383 -9.01 -20.42 -19.39
N GLY B 384 -10.28 -20.06 -19.57
CA GLY B 384 -11.27 -20.11 -18.51
C GLY B 384 -12.24 -21.26 -18.69
N GLU B 385 -11.70 -22.46 -18.91
CA GLU B 385 -12.47 -23.70 -18.97
C GLU B 385 -13.46 -23.74 -20.12
N GLY B 386 -13.23 -22.96 -21.17
CA GLY B 386 -14.13 -22.87 -22.30
C GLY B 386 -15.09 -21.70 -22.26
N HIS B 387 -15.19 -21.01 -21.13
CA HIS B 387 -16.06 -19.85 -21.02
C HIS B 387 -15.31 -18.59 -21.45
N GLU B 388 -16.05 -17.65 -22.03
CA GLU B 388 -15.42 -16.41 -22.48
C GLU B 388 -15.16 -15.45 -21.32
N TRP B 389 -16.16 -15.25 -20.47
CA TRP B 389 -16.08 -14.27 -19.39
C TRP B 389 -16.01 -14.96 -18.03
N GLY B 390 -15.41 -14.28 -17.06
CA GLY B 390 -15.26 -14.87 -15.75
C GLY B 390 -15.10 -13.81 -14.67
N LEU B 391 -15.05 -14.30 -13.43
CA LEU B 391 -15.06 -13.48 -12.25
C LEU B 391 -13.91 -13.89 -11.34
N LEU B 392 -13.17 -12.90 -10.84
CA LEU B 392 -12.23 -13.12 -9.76
C LEU B 392 -12.73 -12.34 -8.56
N LEU B 393 -12.84 -13.00 -7.42
CA LEU B 393 -13.45 -12.42 -6.23
C LEU B 393 -12.52 -12.57 -5.05
N GLY B 394 -12.23 -11.46 -4.38
CA GLY B 394 -11.47 -11.48 -3.12
C GLY B 394 -12.35 -10.96 -2.00
N PHE B 395 -12.20 -11.55 -0.80
CA PHE B 395 -12.98 -11.15 0.36
C PHE B 395 -12.03 -10.95 1.52
N GLY B 396 -12.23 -9.91 2.31
CA GLY B 396 -11.35 -9.68 3.44
C GLY B 396 -11.87 -8.62 4.37
N PRO B 397 -11.00 -8.10 5.22
CA PRO B 397 -11.42 -7.14 6.25
C PRO B 397 -12.18 -5.97 5.65
N GLY B 398 -13.30 -5.62 6.30
CA GLY B 398 -14.14 -4.53 5.82
C GLY B 398 -15.61 -4.53 6.25
N LEU B 399 -16.38 -5.56 5.88
CA LEU B 399 -15.94 -6.67 5.04
C LEU B 399 -15.89 -6.21 3.58
N THR B 400 -14.71 -6.34 2.97
CA THR B 400 -14.45 -5.87 1.62
C THR B 400 -14.58 -7.01 0.62
N CYS B 401 -15.30 -6.76 -0.47
CA CYS B 401 -15.38 -7.67 -1.61
C CYS B 401 -14.75 -6.96 -2.81
N GLU B 402 -13.70 -7.56 -3.37
CA GLU B 402 -13.09 -7.11 -4.61
C GLU B 402 -13.61 -7.96 -5.75
N THR B 403 -14.14 -7.32 -6.81
CA THR B 403 -14.71 -8.01 -7.96
C THR B 403 -13.95 -7.60 -9.21
N VAL B 404 -13.40 -8.58 -9.93
CA VAL B 404 -12.72 -8.32 -11.19
C VAL B 404 -13.40 -9.16 -12.26
N VAL B 405 -13.89 -8.51 -13.31
CA VAL B 405 -14.46 -9.23 -14.44
C VAL B 405 -13.34 -9.45 -15.45
N LEU B 406 -13.07 -10.72 -15.75
CA LEU B 406 -12.00 -11.14 -16.64
C LEU B 406 -12.56 -11.65 -17.95
N ARG B 407 -11.75 -11.57 -19.00
CA ARG B 407 -12.00 -12.33 -20.22
C ARG B 407 -10.89 -13.37 -20.36
N SER B 408 -11.29 -14.60 -20.70
CA SER B 408 -10.32 -15.63 -21.02
C SER B 408 -9.71 -15.34 -22.39
N VAL B 409 -8.79 -16.19 -22.81
CA VAL B 409 -8.20 -16.13 -24.14
C VAL B 409 -8.47 -17.46 -24.82
N PRO B 410 -8.94 -17.47 -26.07
CA PRO B 410 -9.20 -18.75 -26.74
C PRO B 410 -7.92 -19.54 -26.92
N LEU B 411 -8.05 -20.86 -26.78
CA LEU B 411 -6.92 -21.75 -26.95
C LEU B 411 -6.82 -22.21 -28.40
N VAL B 412 -5.59 -22.53 -28.80
CA VAL B 412 -5.18 -22.96 -30.15
C VAL B 412 -6.23 -22.77 -31.25
N1A COA C . 23.19 10.51 13.00
C2A COA C . 23.81 10.84 14.11
N3A COA C . 24.14 12.08 14.44
C4A COA C . 23.86 13.12 13.65
C5A COA C . 23.18 12.83 12.40
C6A COA C . 22.84 11.44 12.14
N6A COA C . 22.22 11.15 11.01
N7A COA C . 23.00 13.97 11.76
C8A COA C . 23.54 14.92 12.53
N9A COA C . 24.05 14.41 13.65
C1B COA C . 24.71 15.20 14.69
C2B COA C . 26.10 15.67 14.35
O2B COA C . 27.04 14.63 14.56
C3B COA C . 26.28 16.83 15.33
O3B COA C . 26.74 16.37 16.60
P3B COA C . 27.94 17.10 17.34
O7A COA C . 29.12 16.81 16.47
O8A COA C . 27.47 18.52 17.33
O9A COA C . 27.96 16.41 18.65
C4B COA C . 24.87 17.38 15.48
O4B COA C . 24.01 16.42 14.85
C5B COA C . 24.72 18.73 14.80
O5B COA C . 25.16 18.45 13.48
P1A COA C . 26.13 19.27 12.51
O1A COA C . 26.48 20.52 13.21
O2A COA C . 27.27 18.40 12.05
O3A COA C . 25.24 19.29 11.18
P2A COA C . 24.17 20.42 10.88
O4A COA C . 24.07 20.61 9.41
O5A COA C . 24.72 21.53 11.68
O6A COA C . 22.65 20.14 11.32
CBP COA C . 20.86 18.61 11.06
CCP COA C . 22.07 18.99 11.91
CDP COA C . 20.22 17.38 11.65
CEP COA C . 19.92 19.75 11.24
CAP COA C . 21.24 18.37 9.58
OAP COA C . 22.47 17.61 9.63
C9P COA C . 20.18 17.84 8.56
O9P COA C . 19.37 18.60 8.17
N8P COA C . 20.11 16.58 8.06
C7P COA C . 19.36 16.28 6.84
C6P COA C . 19.23 14.80 6.59
C5P COA C . 18.37 14.41 7.71
O5P COA C . 18.85 14.40 8.81
N4P COA C . 17.12 14.21 7.35
C3P COA C . 16.15 13.25 7.79
C2P COA C . 15.51 12.39 6.67
S1P COA C . 14.55 10.93 7.17
S1P COA C . 14.20 12.22 5.38
N1A COA D . -15.10 -18.38 15.24
C2A COA D . -14.99 -19.25 16.22
N3A COA D . -15.23 -20.56 16.06
C4A COA D . -15.57 -21.03 14.88
C5A COA D . -15.69 -20.12 13.77
C6A COA D . -15.43 -18.72 14.03
N6A COA D . -15.52 -17.86 13.02
N7A COA D . -16.03 -20.80 12.71
C8A COA D . -16.11 -22.08 13.11
N9A COA D . -15.85 -22.21 14.41
C1B COA D . -15.85 -23.49 15.17
C2B COA D . -17.24 -24.06 15.36
O2B COA D . -18.04 -23.26 16.23
C3B COA D . -16.90 -25.46 15.81
O3B COA D . -16.68 -25.58 17.20
P3B COA D . -17.80 -25.92 18.32
O7A COA D . -19.16 -25.89 17.77
O8A COA D . -17.57 -27.24 18.89
O9A COA D . -17.57 -24.87 19.28
C4B COA D . -15.60 -25.75 15.09
O4B COA D . -15.18 -24.54 14.52
C5B COA D . -15.79 -26.81 14.03
O5B COA D . -16.88 -26.42 13.26
P1A COA D . -18.02 -27.49 12.92
O1A COA D . -19.25 -26.77 13.09
O2A COA D . -17.64 -28.73 13.65
O3A COA D . -17.92 -27.65 11.33
P2A COA D . -18.02 -26.51 10.23
O4A COA D . -18.49 -25.18 10.52
O5A COA D . -18.68 -26.97 9.01
O6A COA D . -16.48 -26.52 9.92
CBP COA D . -14.90 -24.62 9.04
CCP COA D . -16.20 -25.45 9.12
CDP COA D . -14.19 -25.01 7.79
CEP COA D . -14.21 -23.45 9.77
CAP COA D . -15.98 -23.54 8.60
OAP COA D . -16.85 -22.95 9.66
C9P COA D . -15.56 -22.46 7.58
O9P COA D . -15.20 -22.69 6.48
N8P COA D . -15.74 -21.22 7.96
C7P COA D . -15.56 -20.08 7.17
C6P COA D . -14.41 -19.55 7.92
C5P COA D . -14.08 -18.25 7.38
O5P COA D . -14.82 -17.32 7.51
N4P COA D . -12.93 -18.29 6.80
C3P COA D . -12.50 -17.22 6.04
C2P COA D . -11.21 -16.64 6.59
S1P COA D . -9.82 -16.12 7.63
S1P COA D . -11.11 -14.85 6.84
#